data_8IWF
#
_entry.id   8IWF
#
_cell.length_a   104.388
_cell.length_b   104.388
_cell.length_c   145.334
_cell.angle_alpha   90.000
_cell.angle_beta   90.000
_cell.angle_gamma   120.000
#
_symmetry.space_group_name_H-M   'P 31 2 1'
#
loop_
_entity.id
_entity.type
_entity.pdbx_description
1 polymer Alpha-L-rhamnosidase
2 branched alpha-D-mannopyranose-(1-6)-beta-D-mannopyranose-(1-4)-2-acetamido-2-deoxy-beta-D-glucopyranose-(1-4)-2-acetamido-2-deoxy-beta-D-glucopyranose
3 branched beta-D-mannopyranose-(1-4)-2-acetamido-2-deoxy-beta-D-glucopyranose-(1-4)-2-acetamido-2-deoxy-beta-D-glucopyranose
4 branched alpha-D-mannopyranose-(1-3)-beta-D-mannopyranose-(1-4)-2-acetamido-2-deoxy-beta-D-glucopyranose-(1-4)-2-acetamido-2-deoxy-beta-D-glucopyranose
5 branched alpha-D-mannopyranose-(1-6)-alpha-D-mannopyranose-(1-3)-[alpha-D-mannopyranose-(1-6)]beta-D-mannopyranose-(1-4)-2-acetamido-2-deoxy-beta-D-glucopyranose-(1-4)-2-acetamido-2-deoxy-beta-D-glucopyranose
6 branched 2-acetamido-2-deoxy-beta-D-glucopyranose-(1-4)-2-acetamido-2-deoxy-beta-D-glucopyranose
7 non-polymer (2S,3R,4R,5R,6S)-2-methyl-6-[4-[oxidanyl(oxidanylidene)-$l^4-azanyl]phenoxy]oxane-3,4,5-triol
8 non-polymer 2-acetamido-2-deoxy-beta-D-glucopyranose
9 non-polymer GLYCEROL
10 water water
#
_entity_poly.entity_id   1
_entity_poly.type   'polypeptide(L)'
_entity_poly.pdbx_seq_one_letter_code
;VPYEEYILAPSSRDLAPASVRQVNGSVTNAAALTGAGGQATFNGVSSVTYDFGINVAGIVSVDVASASSESAFIGVTFTE
SSMWISNEACDATQDAGLDTPLWFAVGQGAGVYSVGKKYTRGAFRYMTVVSNTTATVSLNSVKINYTASPIQDLRAYTGY
FHSSDELLNRIWYAGAYTLQLCSIDPTTGDALVGLGAITSSETITLPQTDKWWTNYTITNGSSTLTDGAKRDRLVWPGDM
SIALESVAVSTEDLYSVRTALESLYALQKADGQLPYAGKPFYDTVSFTYHLHSLVGAASYYQYTGDRAWLTRYWGQYKKG
VQWALSGVDSTGLANITASADWLRFGMGAHNIEANAILYYVLNDAISLAQSLNDNAPIRNWTATAARIKTVANELLWDDK
NGLYTDNETTTLHPQDGNSWAVKANLTLSANQSAIISESLAARWGPYGAPAPEAGATVSPFIGGFELQAHYQAGQPDRAL
DLLRLQWGFMLDDPRMTNSTFIEGYSTDGSLVYAPYTNRPRVSHAHGWSTGPTSALTIYTAGLRVTGPAGATWLYKPQPG
NLTQVEAGFSTRLGSFASSFSRSGGRYQELSFTTPNGTTGSVELGDVSGQLVSEGGVKVQLVGGKASGLQGGKWRLNV
;
_entity_poly.pdbx_strand_id   A
#
# COMPACT_ATOMS: atom_id res chain seq x y z
N VAL A 1 -17.43 -3.82 -15.79
CA VAL A 1 -16.66 -3.72 -14.54
C VAL A 1 -17.57 -3.96 -13.34
N PRO A 2 -17.21 -4.94 -12.51
CA PRO A 2 -18.07 -5.31 -11.38
C PRO A 2 -17.88 -4.38 -10.18
N TYR A 3 -19.00 -4.07 -9.54
CA TYR A 3 -19.03 -3.26 -8.32
C TYR A 3 -18.39 -1.89 -8.53
N GLU A 4 -18.77 -1.24 -9.63
CA GLU A 4 -18.20 0.07 -9.95
C GLU A 4 -18.52 1.11 -8.88
N GLU A 5 -19.68 0.99 -8.24
CA GLU A 5 -20.08 1.99 -7.24
C GLU A 5 -19.05 2.12 -6.14
N TYR A 6 -18.34 1.04 -5.81
CA TYR A 6 -17.38 1.07 -4.73
C TYR A 6 -16.06 1.72 -5.14
N ILE A 7 -15.76 1.79 -6.44
CA ILE A 7 -14.52 2.38 -6.90
C ILE A 7 -14.54 3.87 -6.58
N LEU A 8 -13.54 4.32 -5.81
CA LEU A 8 -13.51 5.71 -5.38
C LEU A 8 -12.96 6.64 -6.44
N ALA A 9 -12.21 6.12 -7.41
CA ALA A 9 -11.44 6.95 -8.33
C ALA A 9 -12.37 7.86 -9.14
N PRO A 10 -11.94 9.10 -9.41
CA PRO A 10 -12.82 10.04 -10.10
C PRO A 10 -13.19 9.58 -11.50
N SER A 11 -14.40 9.96 -11.93
CA SER A 11 -14.90 9.65 -13.26
C SER A 11 -14.41 10.61 -14.31
N SER A 12 -13.62 11.62 -13.93
CA SER A 12 -13.05 12.59 -14.85
C SER A 12 -11.76 13.13 -14.26
N ARG A 13 -10.81 13.44 -15.13
CA ARG A 13 -9.55 14.06 -14.72
C ARG A 13 -9.66 15.59 -14.63
N ASP A 14 -10.82 16.15 -14.99
CA ASP A 14 -11.08 17.58 -14.89
C ASP A 14 -12.02 17.81 -13.70
N LEU A 15 -11.44 18.09 -12.53
CA LEU A 15 -12.17 18.00 -11.28
C LEU A 15 -12.42 19.37 -10.67
N ALA A 16 -13.63 19.57 -10.18
CA ALA A 16 -14.03 20.69 -9.35
C ALA A 16 -14.48 20.16 -7.99
N PRO A 17 -14.28 20.94 -6.93
CA PRO A 17 -14.67 20.48 -5.60
C PRO A 17 -16.13 20.06 -5.56
N ALA A 18 -16.44 19.12 -4.68
CA ALA A 18 -17.78 18.57 -4.63
C ALA A 18 -18.73 19.44 -3.80
N SER A 19 -18.22 20.02 -2.71
CA SER A 19 -19.10 20.75 -1.80
C SER A 19 -18.33 21.87 -1.12
N VAL A 20 -19.07 22.83 -0.58
CA VAL A 20 -18.50 23.94 0.15
C VAL A 20 -18.45 23.56 1.63
N ARG A 21 -17.25 23.61 2.22
CA ARG A 21 -17.15 23.31 3.65
C ARG A 21 -17.26 24.56 4.51
N GLN A 22 -16.51 25.61 4.17
CA GLN A 22 -16.51 26.79 5.03
C GLN A 22 -16.23 28.06 4.23
N VAL A 23 -16.94 29.13 4.57
CA VAL A 23 -16.72 30.45 3.97
C VAL A 23 -16.33 31.41 5.09
N ASN A 24 -15.17 32.02 4.95
CA ASN A 24 -14.73 33.09 5.85
C ASN A 24 -14.74 34.39 5.08
N GLY A 25 -15.26 35.44 5.69
CA GLY A 25 -15.37 36.71 5.00
C GLY A 25 -16.62 36.74 4.14
N SER A 26 -16.64 37.70 3.21
CA SER A 26 -17.78 37.92 2.33
C SER A 26 -17.45 37.33 0.96
N VAL A 27 -18.14 36.25 0.59
CA VAL A 27 -17.98 35.58 -0.70
C VAL A 27 -19.34 35.31 -1.29
N THR A 28 -19.57 35.77 -2.52
CA THR A 28 -20.83 35.54 -3.22
C THR A 28 -20.72 34.29 -4.08
N ASN A 29 -21.75 33.45 -4.00
CA ASN A 29 -21.85 32.24 -4.81
C ASN A 29 -20.56 31.44 -4.74
N ALA A 30 -20.15 31.09 -3.52
CA ALA A 30 -18.98 30.24 -3.35
C ALA A 30 -19.14 28.93 -4.11
N ALA A 31 -20.37 28.36 -4.08
CA ALA A 31 -20.68 27.12 -4.76
C ALA A 31 -20.43 27.17 -6.26
N ALA A 32 -20.21 28.36 -6.83
CA ALA A 32 -19.81 28.45 -8.22
C ALA A 32 -18.57 27.62 -8.50
N LEU A 33 -17.64 27.58 -7.55
CA LEU A 33 -16.40 26.83 -7.75
C LEU A 33 -16.59 25.32 -7.56
N THR A 34 -17.82 24.87 -7.34
CA THR A 34 -18.13 23.45 -7.20
C THR A 34 -18.85 22.88 -8.42
N GLY A 35 -18.88 23.61 -9.53
CA GLY A 35 -19.64 23.19 -10.68
C GLY A 35 -21.03 23.80 -10.79
N ALA A 36 -21.59 24.30 -9.69
CA ALA A 36 -22.84 25.03 -9.76
C ALA A 36 -22.70 26.25 -10.67
N GLY A 37 -23.78 26.59 -11.37
CA GLY A 37 -23.73 27.69 -12.30
C GLY A 37 -23.43 29.01 -11.62
N GLY A 38 -22.69 29.87 -12.33
CA GLY A 38 -22.37 31.20 -11.85
C GLY A 38 -20.88 31.34 -11.55
N GLN A 39 -20.54 32.52 -11.03
CA GLN A 39 -19.18 32.85 -10.63
C GLN A 39 -19.14 33.16 -9.14
N ALA A 40 -17.95 33.04 -8.56
CA ALA A 40 -17.73 33.33 -7.14
C ALA A 40 -17.02 34.67 -7.01
N THR A 41 -17.61 35.59 -6.25
CA THR A 41 -17.03 36.92 -6.08
C THR A 41 -16.43 37.04 -4.68
N PHE A 42 -15.11 37.07 -4.61
CA PHE A 42 -14.39 37.29 -3.35
C PHE A 42 -14.24 38.80 -3.17
N ASN A 43 -14.96 39.34 -2.18
CA ASN A 43 -14.97 40.77 -1.90
C ASN A 43 -13.98 41.02 -0.76
N GLY A 44 -12.75 41.36 -1.13
CA GLY A 44 -11.73 41.70 -0.16
C GLY A 44 -11.12 40.47 0.49
N VAL A 45 -10.58 40.68 1.69
CA VAL A 45 -9.93 39.61 2.44
C VAL A 45 -10.99 38.58 2.82
N SER A 46 -10.92 37.40 2.20
CA SER A 46 -11.88 36.33 2.42
C SER A 46 -11.21 35.02 2.04
N SER A 47 -11.94 33.92 2.23
CA SER A 47 -11.43 32.60 1.84
C SER A 47 -12.58 31.60 1.90
N VAL A 48 -12.41 30.52 1.16
CA VAL A 48 -13.38 29.43 1.13
C VAL A 48 -12.63 28.10 1.12
N THR A 49 -12.97 27.22 2.04
CA THR A 49 -12.48 25.84 2.04
C THR A 49 -13.53 24.94 1.40
N TYR A 50 -13.13 24.27 0.32
CA TYR A 50 -13.92 23.32 -0.44
C TYR A 50 -13.44 21.90 -0.17
N ASP A 51 -14.36 20.96 -0.24
CA ASP A 51 -14.09 19.55 0.02
C ASP A 51 -14.36 18.74 -1.24
N PHE A 52 -13.36 17.95 -1.65
CA PHE A 52 -13.53 17.09 -2.81
C PHE A 52 -14.26 15.79 -2.49
N GLY A 53 -14.48 15.47 -1.23
CA GLY A 53 -15.05 14.19 -0.83
C GLY A 53 -14.09 13.02 -0.76
N ILE A 54 -13.11 12.98 -1.68
CA ILE A 54 -12.05 11.98 -1.69
C ILE A 54 -10.71 12.68 -1.81
N ASN A 55 -9.65 11.93 -1.51
CA ASN A 55 -8.29 12.41 -1.74
C ASN A 55 -8.04 12.48 -3.24
N VAL A 56 -7.55 13.63 -3.71
CA VAL A 56 -7.26 13.86 -5.11
C VAL A 56 -5.85 14.41 -5.24
N ALA A 57 -5.42 14.60 -6.49
CA ALA A 57 -4.08 15.05 -6.80
C ALA A 57 -4.09 15.71 -8.17
N GLY A 58 -3.18 16.68 -8.36
CA GLY A 58 -2.94 17.24 -9.68
C GLY A 58 -2.63 18.73 -9.61
N ILE A 59 -2.90 19.40 -10.73
CA ILE A 59 -2.46 20.78 -10.97
C ILE A 59 -3.66 21.70 -10.90
N VAL A 60 -3.57 22.73 -10.08
CA VAL A 60 -4.67 23.67 -9.91
C VAL A 60 -4.60 24.75 -11.00
N SER A 61 -5.78 25.18 -11.44
CA SER A 61 -5.93 26.28 -12.39
C SER A 61 -7.04 27.19 -11.88
N VAL A 62 -6.78 28.49 -11.86
CA VAL A 62 -7.71 29.50 -11.37
C VAL A 62 -8.16 30.34 -12.55
N ASP A 63 -9.46 30.25 -12.87
CA ASP A 63 -10.04 31.03 -13.96
C ASP A 63 -10.57 32.33 -13.37
N VAL A 64 -9.89 33.44 -13.66
CA VAL A 64 -10.27 34.75 -13.16
C VAL A 64 -11.10 35.45 -14.22
N ALA A 65 -12.33 35.83 -13.86
CA ALA A 65 -13.16 36.63 -14.74
C ALA A 65 -12.97 38.12 -14.51
N SER A 66 -12.58 38.53 -13.31
CA SER A 66 -12.46 39.95 -13.01
C SER A 66 -11.55 40.14 -11.79
N ALA A 67 -10.82 41.24 -11.80
CA ALA A 67 -10.03 41.68 -10.66
C ALA A 67 -10.06 43.20 -10.60
N SER A 68 -9.63 43.75 -9.46
CA SER A 68 -9.67 45.20 -9.30
C SER A 68 -8.26 45.77 -9.24
N SER A 69 -7.72 45.84 -8.04
CA SER A 69 -6.37 46.39 -7.85
C SER A 69 -5.35 45.48 -8.52
N GLU A 70 -4.35 46.10 -9.16
CA GLU A 70 -3.24 45.37 -9.74
C GLU A 70 -2.49 44.55 -8.70
N SER A 71 -2.71 44.79 -7.40
CA SER A 71 -2.05 44.07 -6.33
C SER A 71 -2.91 42.93 -5.78
N ALA A 72 -3.94 42.52 -6.51
CA ALA A 72 -4.78 41.42 -6.06
C ALA A 72 -4.05 40.09 -6.21
N PHE A 73 -4.26 39.21 -5.24
CA PHE A 73 -3.66 37.88 -5.22
C PHE A 73 -4.69 36.86 -4.77
N ILE A 74 -4.72 35.71 -5.44
CA ILE A 74 -5.50 34.57 -4.97
C ILE A 74 -4.52 33.47 -4.65
N GLY A 75 -4.58 32.95 -3.44
CA GLY A 75 -3.80 31.81 -3.07
C GLY A 75 -4.66 30.56 -3.03
N VAL A 76 -4.01 29.42 -3.18
CA VAL A 76 -4.67 28.14 -3.04
C VAL A 76 -3.85 27.28 -2.09
N THR A 77 -4.49 26.75 -1.05
CA THR A 77 -3.85 25.84 -0.11
C THR A 77 -4.51 24.47 -0.19
N PHE A 78 -3.72 23.45 0.10
CA PHE A 78 -4.15 22.06 -0.04
C PHE A 78 -3.86 21.31 1.24
N THR A 79 -4.74 20.36 1.58
CA THR A 79 -4.42 19.49 2.71
C THR A 79 -5.17 18.17 2.57
N GLU A 80 -4.55 17.11 3.07
CA GLU A 80 -5.19 15.80 3.12
C GLU A 80 -6.19 15.74 4.27
N SER A 81 -5.70 15.92 5.49
CA SER A 81 -6.52 15.81 6.68
C SER A 81 -7.15 17.14 7.04
N SER A 82 -8.39 17.09 7.52
CA SER A 82 -9.09 18.31 7.92
C SER A 82 -8.40 19.01 9.08
N MET A 83 -7.46 18.35 9.74
CA MET A 83 -6.75 18.98 10.86
C MET A 83 -5.99 20.23 10.41
N TRP A 84 -5.56 20.27 9.15
CA TRP A 84 -4.60 21.28 8.72
C TRP A 84 -5.21 22.30 7.76
N ILE A 85 -6.54 22.43 7.74
CA ILE A 85 -7.18 23.44 6.91
C ILE A 85 -6.75 24.82 7.38
N SER A 86 -6.15 25.60 6.49
CA SER A 86 -5.69 26.94 6.83
C SER A 86 -5.70 27.81 5.59
N ASN A 87 -6.07 29.07 5.77
CA ASN A 87 -5.99 30.05 4.69
C ASN A 87 -4.60 30.58 4.48
N GLU A 88 -3.62 30.14 5.28
CA GLU A 88 -2.26 30.65 5.21
C GLU A 88 -1.22 29.61 4.82
N ALA A 89 -1.57 28.32 4.79
CA ALA A 89 -0.58 27.29 4.52
C ALA A 89 -1.28 26.00 4.11
N CYS A 90 -0.48 25.04 3.65
CA CYS A 90 -0.89 23.68 3.32
C CYS A 90 -0.45 22.75 4.44
N ASP A 91 -0.69 21.44 4.27
CA ASP A 91 -0.01 20.47 5.10
C ASP A 91 1.49 20.48 4.79
N ALA A 92 2.25 19.58 5.40
CA ALA A 92 3.69 19.59 5.27
C ALA A 92 4.16 18.44 4.38
N THR A 93 5.30 18.67 3.73
CA THR A 93 6.03 17.62 3.03
C THR A 93 7.42 17.41 3.60
N GLN A 94 8.07 18.47 4.07
CA GLN A 94 9.45 18.40 4.51
C GLN A 94 9.57 18.09 6.00
N ASP A 95 10.79 17.78 6.43
CA ASP A 95 11.03 17.40 7.82
C ASP A 95 10.66 18.50 8.79
N ALA A 96 10.46 19.73 8.31
CA ALA A 96 10.11 20.84 9.19
C ALA A 96 9.35 21.88 8.40
N GLY A 97 8.28 22.40 9.00
CA GLY A 97 7.54 23.51 8.43
C GLY A 97 6.46 23.09 7.45
N LEU A 98 5.50 23.99 7.26
CA LEU A 98 4.40 23.79 6.33
C LEU A 98 4.73 24.41 4.98
N ASP A 99 4.07 23.90 3.95
CA ASP A 99 4.31 24.35 2.59
C ASP A 99 3.48 25.59 2.27
N THR A 100 4.01 26.42 1.38
CA THR A 100 3.39 27.70 1.07
C THR A 100 2.17 27.51 0.17
N PRO A 101 1.20 28.43 0.24
CA PRO A 101 0.12 28.42 -0.74
C PRO A 101 0.64 28.75 -2.13
N LEU A 102 -0.02 28.21 -3.15
CA LEU A 102 0.27 28.61 -4.52
C LEU A 102 -0.39 29.96 -4.75
N TRP A 103 0.42 31.00 -4.91
CA TRP A 103 -0.07 32.36 -5.00
C TRP A 103 -0.08 32.81 -6.45
N PHE A 104 -1.25 33.14 -6.96
CA PHE A 104 -1.44 33.60 -8.32
C PHE A 104 -1.84 35.07 -8.26
N ALA A 105 -0.95 35.94 -8.74
CA ALA A 105 -1.27 37.35 -8.84
C ALA A 105 -2.38 37.56 -9.86
N VAL A 106 -3.64 37.54 -9.42
CA VAL A 106 -4.75 37.74 -10.35
C VAL A 106 -4.92 39.19 -10.76
N GLY A 107 -4.17 40.12 -10.15
CA GLY A 107 -4.27 41.52 -10.47
C GLY A 107 -3.85 41.88 -11.88
N GLN A 108 -3.06 41.03 -12.54
CA GLN A 108 -2.60 41.33 -13.89
C GLN A 108 -3.78 41.41 -14.86
N GLY A 109 -4.79 40.59 -14.66
CA GLY A 109 -5.98 40.65 -15.49
C GLY A 109 -6.71 39.32 -15.47
N ALA A 110 -7.77 39.26 -16.27
CA ALA A 110 -8.55 38.05 -16.39
C ALA A 110 -7.79 36.98 -17.16
N GLY A 111 -8.22 35.74 -16.99
CA GLY A 111 -7.64 34.60 -17.68
C GLY A 111 -7.40 33.44 -16.75
N VAL A 112 -6.80 32.39 -17.29
CA VAL A 112 -6.53 31.17 -16.55
C VAL A 112 -5.10 31.19 -16.04
N TYR A 113 -4.94 31.03 -14.73
CA TYR A 113 -3.64 31.05 -14.08
C TYR A 113 -3.29 29.65 -13.60
N SER A 114 -2.07 29.21 -13.90
CA SER A 114 -1.58 27.93 -13.42
C SER A 114 -0.07 27.91 -13.52
N VAL A 115 0.54 27.05 -12.72
CA VAL A 115 1.99 26.87 -12.70
C VAL A 115 2.40 25.47 -13.13
N GLY A 116 1.46 24.67 -13.61
CA GLY A 116 1.82 23.42 -14.24
C GLY A 116 2.21 22.32 -13.26
N LYS A 117 2.73 21.24 -13.84
CA LYS A 117 3.07 20.04 -13.09
C LYS A 117 4.29 20.21 -12.20
N LYS A 118 5.07 21.27 -12.38
CA LYS A 118 6.18 21.52 -11.47
C LYS A 118 5.68 21.71 -10.04
N TYR A 119 4.45 22.20 -9.88
CA TYR A 119 3.84 22.37 -8.57
C TYR A 119 2.64 21.45 -8.46
N THR A 120 2.85 20.18 -8.73
CA THR A 120 1.82 19.18 -8.49
C THR A 120 1.65 18.98 -6.98
N ARG A 121 0.40 18.98 -6.52
CA ARG A 121 0.10 18.56 -5.15
C ARG A 121 -0.30 17.10 -5.20
N GLY A 122 0.52 16.23 -4.61
CA GLY A 122 0.36 14.81 -4.79
C GLY A 122 -0.83 14.22 -4.08
N ALA A 123 -1.34 14.90 -3.05
CA ALA A 123 -2.50 14.40 -2.31
C ALA A 123 -3.10 15.53 -1.48
N PHE A 124 -4.43 15.68 -1.58
CA PHE A 124 -5.18 16.61 -0.76
C PHE A 124 -6.65 16.32 -0.95
N ARG A 125 -7.43 16.49 0.12
CA ARG A 125 -8.88 16.42 0.04
C ARG A 125 -9.55 17.78 0.17
N TYR A 126 -8.98 18.68 0.96
CA TYR A 126 -9.55 20.01 1.16
C TYR A 126 -8.68 21.05 0.48
N MET A 127 -9.33 22.01 -0.18
CA MET A 127 -8.67 23.05 -0.95
C MET A 127 -9.24 24.40 -0.56
N THR A 128 -8.37 25.34 -0.20
CA THR A 128 -8.78 26.65 0.28
C THR A 128 -8.38 27.72 -0.73
N VAL A 129 -9.37 28.42 -1.24
CA VAL A 129 -9.15 29.58 -2.11
C VAL A 129 -9.14 30.82 -1.23
N VAL A 130 -8.06 31.58 -1.27
CA VAL A 130 -7.79 32.67 -0.34
C VAL A 130 -7.63 33.97 -1.12
N SER A 131 -8.42 34.99 -0.75
CA SER A 131 -8.27 36.35 -1.25
C SER A 131 -7.67 37.17 -0.11
N ASN A 132 -6.39 37.52 -0.22
CA ASN A 132 -5.66 38.17 0.86
C ASN A 132 -5.56 39.67 0.69
N THR A 133 -6.18 40.23 -0.35
CA THR A 133 -6.09 41.65 -0.67
C THR A 133 -7.49 42.25 -0.54
N THR A 134 -7.54 43.57 -0.32
CA THR A 134 -8.79 44.30 -0.27
C THR A 134 -9.53 44.34 -1.60
N ALA A 135 -8.92 43.87 -2.70
CA ALA A 135 -9.55 43.96 -4.01
C ALA A 135 -10.68 42.95 -4.16
N THR A 136 -11.59 43.26 -5.08
CA THR A 136 -12.68 42.37 -5.44
C THR A 136 -12.31 41.55 -6.66
N VAL A 137 -12.39 40.23 -6.55
CA VAL A 137 -12.08 39.35 -7.67
C VAL A 137 -13.30 38.48 -7.95
N SER A 138 -13.50 38.16 -9.23
CA SER A 138 -14.55 37.26 -9.66
C SER A 138 -13.92 36.08 -10.37
N LEU A 139 -14.26 34.88 -9.90
CA LEU A 139 -13.64 33.63 -10.36
C LEU A 139 -14.69 32.73 -10.99
N ASN A 140 -14.41 32.26 -12.20
CA ASN A 140 -15.30 31.32 -12.88
C ASN A 140 -15.11 29.90 -12.37
N SER A 141 -13.89 29.52 -12.03
CA SER A 141 -13.62 28.16 -11.57
C SER A 141 -12.24 28.09 -10.95
N VAL A 142 -12.08 27.15 -10.04
CA VAL A 142 -10.79 26.72 -9.52
C VAL A 142 -10.83 25.20 -9.58
N LYS A 143 -10.13 24.62 -10.53
CA LYS A 143 -10.22 23.19 -10.78
C LYS A 143 -8.84 22.57 -10.75
N ILE A 144 -8.82 21.24 -10.81
CA ILE A 144 -7.56 20.50 -10.83
C ILE A 144 -7.58 19.53 -11.99
N ASN A 145 -6.43 19.39 -12.66
CA ASN A 145 -6.20 18.29 -13.58
C ASN A 145 -5.67 17.11 -12.77
N TYR A 146 -6.44 16.04 -12.72
CA TYR A 146 -6.07 14.86 -11.95
C TYR A 146 -4.94 14.10 -12.66
N THR A 147 -3.76 14.06 -12.03
CA THR A 147 -2.55 13.52 -12.64
C THR A 147 -2.08 12.20 -12.04
N ALA A 148 -2.88 11.58 -11.17
CA ALA A 148 -2.51 10.28 -10.60
C ALA A 148 -2.95 9.16 -11.54
N SER A 149 -2.31 7.99 -11.39
CA SER A 149 -2.45 6.87 -12.32
C SER A 149 -2.48 7.41 -13.75
N PRO A 150 -1.38 8.00 -14.20
CA PRO A 150 -1.47 8.96 -15.29
C PRO A 150 -1.83 8.34 -16.62
N ILE A 151 -1.65 7.04 -16.80
CA ILE A 151 -1.90 6.46 -18.11
C ILE A 151 -2.94 5.34 -17.99
N GLN A 152 -3.79 5.42 -16.97
CA GLN A 152 -4.76 4.38 -16.74
C GLN A 152 -6.18 4.93 -16.84
N ASP A 153 -7.11 4.04 -17.20
CA ASP A 153 -8.52 4.30 -17.01
C ASP A 153 -8.84 4.10 -15.53
N LEU A 154 -9.21 5.20 -14.85
CA LEU A 154 -9.20 5.19 -13.39
C LEU A 154 -10.25 4.25 -12.82
N ARG A 155 -11.40 4.11 -13.47
CA ARG A 155 -12.50 3.30 -12.96
C ARG A 155 -12.59 1.94 -13.64
N ALA A 156 -11.59 1.59 -14.46
CA ALA A 156 -11.59 0.32 -15.18
C ALA A 156 -10.79 -0.74 -14.41
N TYR A 157 -11.23 -0.99 -13.18
CA TYR A 157 -10.62 -2.05 -12.38
C TYR A 157 -10.76 -3.39 -13.09
N THR A 158 -9.75 -4.25 -12.88
CA THR A 158 -9.86 -5.65 -13.29
C THR A 158 -10.10 -6.57 -12.10
N GLY A 159 -9.89 -6.07 -10.88
CA GLY A 159 -10.24 -6.82 -9.68
C GLY A 159 -11.42 -6.24 -8.94
N TYR A 160 -12.01 -7.04 -8.07
CA TYR A 160 -13.15 -6.61 -7.29
C TYR A 160 -13.28 -7.50 -6.06
N PHE A 161 -13.97 -6.96 -5.06
CA PHE A 161 -14.29 -7.67 -3.83
C PHE A 161 -15.59 -7.13 -3.30
N HIS A 162 -16.42 -8.03 -2.77
CA HIS A 162 -17.70 -7.63 -2.18
C HIS A 162 -18.12 -8.71 -1.19
N SER A 163 -18.19 -8.34 0.07
CA SER A 163 -18.58 -9.26 1.11
C SER A 163 -19.92 -8.84 1.71
N SER A 164 -20.44 -9.67 2.61
CA SER A 164 -21.61 -9.26 3.37
C SER A 164 -21.27 -8.21 4.43
N ASP A 165 -19.98 -7.92 4.61
CA ASP A 165 -19.50 -6.94 5.59
C ASP A 165 -19.13 -5.68 4.81
N GLU A 166 -20.01 -4.68 4.86
CA GLU A 166 -19.82 -3.50 4.02
C GLU A 166 -18.57 -2.72 4.42
N LEU A 167 -18.23 -2.71 5.70
CA LEU A 167 -17.01 -2.03 6.13
C LEU A 167 -15.80 -2.63 5.45
N LEU A 168 -15.78 -3.96 5.31
CA LEU A 168 -14.68 -4.62 4.61
C LEU A 168 -14.63 -4.19 3.15
N ASN A 169 -15.78 -4.16 2.48
CA ASN A 169 -15.82 -3.75 1.09
C ASN A 169 -15.22 -2.36 0.92
N ARG A 170 -15.65 -1.43 1.78
CA ARG A 170 -15.13 -0.06 1.68
C ARG A 170 -13.65 0.01 2.00
N ILE A 171 -13.16 -0.85 2.91
CA ILE A 171 -11.73 -0.88 3.20
C ILE A 171 -10.94 -1.37 1.99
N TRP A 172 -11.43 -2.43 1.33
CA TRP A 172 -10.79 -2.96 0.13
C TRP A 172 -10.67 -1.89 -0.94
N TYR A 173 -11.78 -1.21 -1.23
CA TYR A 173 -11.74 -0.23 -2.31
C TYR A 173 -10.97 1.02 -1.91
N ALA A 174 -10.91 1.33 -0.62
CA ALA A 174 -10.04 2.43 -0.18
C ALA A 174 -8.58 2.10 -0.40
N GLY A 175 -8.19 0.85 -0.14
CA GLY A 175 -6.81 0.45 -0.40
C GLY A 175 -6.47 0.50 -1.88
N ALA A 176 -7.37 -0.02 -2.72
CA ALA A 176 -7.16 0.11 -4.16
C ALA A 176 -6.99 1.57 -4.57
N TYR A 177 -7.88 2.45 -4.11
CA TYR A 177 -7.75 3.84 -4.51
C TYR A 177 -6.48 4.48 -3.97
N THR A 178 -6.05 4.10 -2.76
CA THR A 178 -4.76 4.55 -2.26
C THR A 178 -3.66 4.22 -3.26
N LEU A 179 -3.65 2.97 -3.74
CA LEU A 179 -2.60 2.58 -4.69
C LEU A 179 -2.70 3.37 -5.98
N GLN A 180 -3.93 3.62 -6.45
CA GLN A 180 -4.08 4.44 -7.65
C GLN A 180 -3.50 5.83 -7.43
N LEU A 181 -3.73 6.40 -6.25
CA LEU A 181 -3.21 7.73 -5.94
C LEU A 181 -1.69 7.74 -5.85
N CYS A 182 -1.07 6.66 -5.34
CA CYS A 182 0.39 6.64 -5.24
C CYS A 182 1.10 6.42 -6.57
N SER A 183 0.37 6.12 -7.65
CA SER A 183 0.97 5.96 -8.97
C SER A 183 1.01 7.31 -9.67
N ILE A 184 2.21 7.79 -10.00
CA ILE A 184 2.40 9.15 -10.47
C ILE A 184 3.16 9.16 -11.79
N ASP A 185 3.06 10.31 -12.46
CA ASP A 185 3.93 10.63 -13.58
C ASP A 185 5.37 10.71 -13.09
N PRO A 186 6.30 9.92 -13.64
CA PRO A 186 7.63 9.86 -13.03
C PRO A 186 8.39 11.17 -13.08
N THR A 187 7.96 12.13 -13.88
CA THR A 187 8.65 13.42 -13.95
C THR A 187 8.26 14.37 -12.83
N THR A 188 7.39 13.94 -11.92
CA THR A 188 6.87 14.77 -10.84
C THR A 188 7.25 14.17 -9.48
N GLY A 189 8.44 13.59 -9.37
CA GLY A 189 8.86 12.91 -8.17
C GLY A 189 9.68 13.77 -7.24
N ASP A 190 9.98 13.20 -6.07
CA ASP A 190 10.82 13.81 -5.04
C ASP A 190 10.15 15.06 -4.45
N ALA A 191 9.23 14.87 -3.52
CA ALA A 191 8.70 15.98 -2.73
C ALA A 191 9.66 16.43 -1.64
N LEU A 192 10.68 15.63 -1.34
CA LEU A 192 11.70 15.98 -0.35
C LEU A 192 12.75 16.89 -0.98
N VAL A 193 12.29 18.06 -1.44
CA VAL A 193 13.19 18.98 -2.11
C VAL A 193 14.22 19.56 -1.15
N GLY A 194 13.98 19.47 0.15
CA GLY A 194 14.92 19.98 1.13
C GLY A 194 15.97 19.00 1.60
N LEU A 195 15.90 17.75 1.17
CA LEU A 195 16.82 16.71 1.63
C LEU A 195 18.28 17.06 1.30
N THR A 203 12.13 24.42 13.57
CA THR A 203 12.84 25.56 12.98
C THR A 203 11.87 26.51 12.27
N ILE A 204 10.77 25.96 11.78
CA ILE A 204 9.85 26.71 10.91
C ILE A 204 8.50 26.84 11.58
N THR A 205 8.03 28.07 11.74
CA THR A 205 6.74 28.40 12.33
C THR A 205 5.81 28.92 11.24
N LEU A 206 4.48 28.84 11.52
CA LEU A 206 3.41 29.15 10.57
C LEU A 206 3.62 30.41 9.74
N PRO A 207 4.10 31.53 10.30
CA PRO A 207 4.39 32.68 9.44
C PRO A 207 5.31 32.34 8.27
N GLN A 208 6.36 31.56 8.53
CA GLN A 208 7.25 31.11 7.48
C GLN A 208 6.66 29.92 6.75
N THR A 209 6.69 29.96 5.43
CA THR A 209 6.19 28.88 4.59
C THR A 209 7.33 28.34 3.74
N ASP A 210 7.22 27.06 3.37
CA ASP A 210 8.28 26.37 2.65
C ASP A 210 7.93 26.25 1.17
N LYS A 211 8.87 26.63 0.32
CA LYS A 211 8.71 26.40 -1.11
C LYS A 211 8.70 24.90 -1.39
N TRP A 212 7.92 24.50 -2.39
CA TRP A 212 7.84 23.10 -2.75
C TRP A 212 7.64 22.98 -4.25
N TRP A 213 8.09 21.84 -4.79
CA TRP A 213 7.98 21.59 -6.22
C TRP A 213 8.18 20.10 -6.47
N THR A 214 7.68 19.65 -7.62
CA THR A 214 7.77 18.25 -8.03
C THR A 214 8.34 18.24 -9.45
N ASN A 215 9.67 18.12 -9.57
CA ASN A 215 10.29 18.17 -10.89
C ASN A 215 11.52 17.27 -11.01
N TYR A 216 11.58 16.19 -10.24
CA TYR A 216 12.65 15.21 -10.36
C TYR A 216 12.10 13.95 -11.02
N THR A 217 12.78 13.48 -12.07
CA THR A 217 12.37 12.25 -12.71
C THR A 217 12.93 11.08 -11.91
N ILE A 218 12.05 10.39 -11.18
CA ILE A 218 12.51 9.36 -10.27
C ILE A 218 12.66 8.00 -10.93
N THR A 219 12.04 7.79 -12.09
CA THR A 219 12.08 6.49 -12.73
C THR A 219 11.96 6.67 -14.24
N ASN A 220 12.16 5.57 -14.96
CA ASN A 220 11.92 5.56 -16.39
C ASN A 220 10.47 5.16 -16.66
N GLY A 221 9.98 5.54 -17.82
CA GLY A 221 8.63 5.22 -18.21
C GLY A 221 7.68 6.39 -18.03
N SER A 222 6.38 6.07 -18.12
CA SER A 222 5.33 7.07 -18.03
C SER A 222 4.49 6.96 -16.76
N SER A 223 4.74 5.96 -15.92
CA SER A 223 4.00 5.82 -14.67
C SER A 223 4.86 5.01 -13.70
N THR A 224 4.67 5.27 -12.42
CA THR A 224 5.44 4.58 -11.39
C THR A 224 4.73 4.69 -10.06
N LEU A 225 4.89 3.63 -9.25
CA LEU A 225 4.24 3.52 -7.96
C LEU A 225 5.23 3.98 -6.89
N THR A 226 4.86 5.04 -6.17
CA THR A 226 5.70 5.59 -5.13
C THR A 226 5.14 5.23 -3.75
N ASP A 227 5.85 5.66 -2.71
CA ASP A 227 5.46 5.32 -1.34
C ASP A 227 4.23 6.10 -0.90
N GLY A 228 4.19 7.39 -1.18
CA GLY A 228 3.08 8.24 -0.77
C GLY A 228 2.76 9.28 -1.81
N ALA A 229 1.48 9.60 -1.93
CA ALA A 229 1.03 10.55 -2.94
C ALA A 229 1.56 11.95 -2.66
N LYS A 230 1.24 12.51 -1.49
CA LYS A 230 1.77 13.82 -1.15
C LYS A 230 3.28 13.77 -0.99
N ARG A 231 3.76 12.76 -0.26
CA ARG A 231 5.18 12.54 -0.03
C ARG A 231 5.32 11.09 0.39
N ASP A 232 6.47 10.49 0.08
CA ASP A 232 7.69 11.07 -0.46
C ASP A 232 7.74 11.29 -1.97
N ARG A 233 6.91 10.56 -2.72
CA ARG A 233 7.00 10.51 -4.18
C ARG A 233 8.35 9.95 -4.64
N LEU A 234 8.99 9.17 -3.78
CA LEU A 234 10.09 8.32 -4.21
C LEU A 234 9.64 6.86 -4.27
N VAL A 235 10.48 6.03 -4.84
CA VAL A 235 10.28 4.59 -4.87
C VAL A 235 10.90 4.00 -3.61
N TRP A 236 10.18 3.09 -2.95
CA TRP A 236 10.69 2.48 -1.74
C TRP A 236 10.49 0.96 -1.84
N PRO A 237 11.53 0.16 -1.59
CA PRO A 237 11.35 -1.30 -1.73
C PRO A 237 10.49 -1.91 -0.65
N GLY A 238 10.56 -1.41 0.58
CA GLY A 238 9.79 -2.01 1.67
C GLY A 238 8.30 -1.97 1.42
N ASP A 239 7.78 -0.81 1.01
CA ASP A 239 6.36 -0.67 0.73
C ASP A 239 5.88 -1.67 -0.31
N MET A 240 6.74 -2.05 -1.26
CA MET A 240 6.34 -2.95 -2.33
C MET A 240 5.78 -4.26 -1.77
N SER A 241 6.32 -4.72 -0.64
CA SER A 241 5.93 -5.99 -0.03
C SER A 241 4.45 -6.04 0.36
N ILE A 242 3.75 -4.91 0.30
CA ILE A 242 2.29 -4.87 0.41
C ILE A 242 1.67 -4.31 -0.86
N ALA A 243 2.25 -3.23 -1.38
CA ALA A 243 1.68 -2.50 -2.50
C ALA A 243 1.52 -3.38 -3.72
N LEU A 244 2.52 -4.21 -4.02
CA LEU A 244 2.49 -4.99 -5.25
C LEU A 244 1.28 -5.91 -5.31
N GLU A 245 1.14 -6.76 -4.31
CA GLU A 245 0.03 -7.70 -4.34
C GLU A 245 -1.29 -6.97 -4.25
N SER A 246 -1.36 -5.86 -3.51
CA SER A 246 -2.64 -5.15 -3.47
C SER A 246 -2.98 -4.54 -4.83
N VAL A 247 -1.95 -4.15 -5.62
CA VAL A 247 -2.20 -3.65 -6.96
C VAL A 247 -2.63 -4.78 -7.89
N ALA A 248 -1.98 -5.94 -7.76
CA ALA A 248 -2.21 -7.05 -8.68
C ALA A 248 -3.67 -7.51 -8.69
N VAL A 249 -4.34 -7.48 -7.53
CA VAL A 249 -5.71 -8.01 -7.45
C VAL A 249 -6.78 -6.95 -7.63
N SER A 250 -6.40 -5.72 -7.94
CA SER A 250 -7.35 -4.62 -8.03
C SER A 250 -7.30 -3.95 -9.39
N THR A 251 -6.38 -3.00 -9.55
CA THR A 251 -6.25 -2.32 -10.83
C THR A 251 -5.43 -3.11 -11.84
N GLU A 252 -4.61 -4.05 -11.38
CA GLU A 252 -3.68 -4.80 -12.22
C GLU A 252 -2.68 -3.89 -12.93
N ASP A 253 -2.42 -2.70 -12.41
CA ASP A 253 -1.44 -1.78 -12.99
C ASP A 253 -0.04 -2.15 -12.47
N LEU A 254 0.45 -3.28 -12.98
CA LEU A 254 1.79 -3.73 -12.60
C LEU A 254 2.89 -3.01 -13.38
N TYR A 255 2.53 -2.14 -14.32
CA TYR A 255 3.55 -1.39 -15.06
C TYR A 255 4.25 -0.37 -14.16
N SER A 256 3.50 0.29 -13.28
CA SER A 256 4.11 1.23 -12.34
C SER A 256 5.02 0.50 -11.36
N VAL A 257 4.61 -0.70 -10.97
CA VAL A 257 5.47 -1.55 -10.15
C VAL A 257 6.75 -1.90 -10.91
N ARG A 258 6.62 -2.22 -12.20
CA ARG A 258 7.80 -2.66 -12.96
C ARG A 258 8.79 -1.52 -13.15
N THR A 259 8.30 -0.32 -13.47
CA THR A 259 9.22 0.82 -13.58
C THR A 259 9.89 1.11 -12.25
N ALA A 260 9.13 1.06 -11.14
CA ALA A 260 9.71 1.24 -9.82
C ALA A 260 10.83 0.23 -9.53
N LEU A 261 10.53 -1.06 -9.75
CA LEU A 261 11.52 -2.12 -9.50
C LEU A 261 12.75 -1.98 -10.40
N GLU A 262 12.54 -1.65 -11.67
CA GLU A 262 13.67 -1.49 -12.57
C GLU A 262 14.55 -0.32 -12.14
N SER A 263 13.93 0.78 -11.71
CA SER A 263 14.72 1.91 -11.21
C SER A 263 15.55 1.48 -10.00
N LEU A 264 14.95 0.69 -9.11
CA LEU A 264 15.68 0.24 -7.93
C LEU A 264 16.86 -0.65 -8.30
N TYR A 265 16.65 -1.57 -9.25
CA TYR A 265 17.72 -2.51 -9.62
C TYR A 265 18.82 -1.81 -10.41
N ALA A 266 18.48 -0.75 -11.14
CA ALA A 266 19.49 0.04 -11.84
C ALA A 266 20.53 0.63 -10.89
N LEU A 267 20.26 0.64 -9.59
CA LEU A 267 21.15 1.24 -8.59
C LEU A 267 21.92 0.19 -7.79
N GLN A 268 21.88 -1.07 -8.20
CA GLN A 268 22.55 -2.11 -7.42
C GLN A 268 24.07 -1.95 -7.51
N LYS A 269 24.75 -2.21 -6.41
CA LYS A 269 26.20 -2.07 -6.36
C LYS A 269 26.89 -3.37 -6.78
N ALA A 270 28.20 -3.27 -7.01
CA ALA A 270 28.96 -4.42 -7.51
C ALA A 270 28.97 -5.57 -6.52
N ASP A 271 28.84 -5.29 -5.23
CA ASP A 271 28.73 -6.35 -4.23
C ASP A 271 27.34 -6.96 -4.20
N GLY A 272 26.42 -6.46 -5.01
CA GLY A 272 25.05 -6.92 -5.03
C GLY A 272 24.10 -6.09 -4.19
N GLN A 273 24.59 -5.13 -3.43
CA GLN A 273 23.75 -4.37 -2.51
C GLN A 273 22.75 -3.53 -3.28
N LEU A 274 21.46 -3.73 -2.99
CA LEU A 274 20.35 -2.99 -3.57
C LEU A 274 19.99 -1.80 -2.69
N PRO A 275 19.36 -0.76 -3.25
CA PRO A 275 19.28 0.51 -2.52
C PRO A 275 18.23 0.51 -1.41
N TYR A 276 18.47 1.37 -0.43
CA TYR A 276 17.47 1.70 0.57
C TYR A 276 16.26 2.36 -0.09
N ALA A 277 16.50 3.19 -1.08
CA ALA A 277 15.43 3.89 -1.80
C ALA A 277 15.97 4.35 -3.15
N GLY A 278 15.05 4.63 -4.07
CA GLY A 278 15.41 5.19 -5.35
C GLY A 278 16.03 6.58 -5.22
N LYS A 279 16.54 7.07 -6.35
CA LYS A 279 17.14 8.39 -6.39
C LYS A 279 16.08 9.48 -6.19
N PRO A 280 16.46 10.64 -5.61
CA PRO A 280 17.80 11.02 -5.17
C PRO A 280 18.02 10.87 -3.66
N PHE A 281 17.46 9.84 -3.03
CA PHE A 281 17.64 9.67 -1.60
C PHE A 281 19.08 9.27 -1.29
N TYR A 282 19.53 9.63 -0.09
CA TYR A 282 20.90 9.34 0.33
C TYR A 282 21.20 7.86 0.22
N ASP A 283 22.40 7.54 -0.28
CA ASP A 283 22.88 6.17 -0.35
C ASP A 283 23.00 5.60 1.06
N THR A 284 22.14 4.64 1.40
CA THR A 284 22.08 4.06 2.74
C THR A 284 21.99 2.55 2.63
N VAL A 285 22.71 1.86 3.50
CA VAL A 285 22.66 0.41 3.57
C VAL A 285 21.50 -0.01 4.46
N SER A 286 20.67 -0.92 3.95
CA SER A 286 19.58 -1.50 4.72
C SER A 286 19.45 -2.95 4.28
N PHE A 287 19.84 -3.87 5.16
CA PHE A 287 19.68 -5.29 4.88
C PHE A 287 18.25 -5.61 4.47
N THR A 288 17.29 -5.17 5.27
CA THR A 288 15.90 -5.53 5.06
C THR A 288 15.37 -4.98 3.74
N TYR A 289 15.79 -3.77 3.35
CA TYR A 289 15.21 -3.17 2.15
C TYR A 289 15.83 -3.72 0.86
N HIS A 290 17.12 -4.07 0.90
CA HIS A 290 17.71 -4.89 -0.14
C HIS A 290 16.92 -6.20 -0.32
N LEU A 291 16.67 -6.88 0.80
CA LEU A 291 15.83 -8.07 0.76
C LEU A 291 14.46 -7.77 0.15
N HIS A 292 13.91 -6.60 0.47
CA HIS A 292 12.58 -6.26 -0.04
C HIS A 292 12.60 -6.05 -1.55
N SER A 293 13.69 -5.48 -2.08
CA SER A 293 13.88 -5.44 -3.53
C SER A 293 13.84 -6.84 -4.13
N LEU A 294 14.49 -7.80 -3.47
CA LEU A 294 14.43 -9.17 -3.97
C LEU A 294 13.02 -9.74 -3.89
N VAL A 295 12.31 -9.49 -2.79
CA VAL A 295 10.93 -9.94 -2.64
C VAL A 295 10.06 -9.37 -3.75
N GLY A 296 10.27 -8.09 -4.07
CA GLY A 296 9.47 -7.45 -5.08
C GLY A 296 9.70 -8.03 -6.46
N ALA A 297 10.97 -8.26 -6.81
CA ALA A 297 11.23 -8.92 -8.09
C ALA A 297 10.54 -10.28 -8.17
N ALA A 298 10.66 -11.08 -7.09
CA ALA A 298 10.10 -12.42 -7.11
C ALA A 298 8.58 -12.38 -7.28
N SER A 299 7.90 -11.51 -6.53
CA SER A 299 6.44 -11.49 -6.64
C SER A 299 5.97 -10.85 -7.94
N TYR A 300 6.78 -9.94 -8.52
CA TYR A 300 6.47 -9.41 -9.84
C TYR A 300 6.50 -10.51 -10.90
N TYR A 301 7.49 -11.39 -10.83
CA TYR A 301 7.46 -12.56 -11.72
C TYR A 301 6.27 -13.43 -11.41
N GLN A 302 5.96 -13.62 -10.12
CA GLN A 302 4.87 -14.51 -9.75
C GLN A 302 3.56 -14.05 -10.38
N TYR A 303 3.28 -12.75 -10.36
CA TYR A 303 1.99 -12.28 -10.86
C TYR A 303 1.99 -11.99 -12.34
N THR A 304 3.08 -11.49 -12.91
CA THR A 304 3.12 -11.24 -14.35
C THR A 304 3.49 -12.48 -15.15
N GLY A 305 4.31 -13.36 -14.59
CA GLY A 305 4.81 -14.48 -15.37
C GLY A 305 5.73 -14.09 -16.49
N ASP A 306 6.40 -12.95 -16.37
CA ASP A 306 7.25 -12.43 -17.45
C ASP A 306 8.57 -13.17 -17.39
N ARG A 307 8.70 -14.23 -18.19
CA ARG A 307 9.94 -14.99 -18.21
C ARG A 307 11.09 -14.17 -18.78
N ALA A 308 10.81 -13.34 -19.80
CA ALA A 308 11.83 -12.45 -20.34
C ALA A 308 12.38 -11.53 -19.27
N TRP A 309 11.51 -10.93 -18.47
CA TRP A 309 11.95 -9.99 -17.44
C TRP A 309 12.77 -10.70 -16.37
N LEU A 310 12.29 -11.86 -15.92
CA LEU A 310 13.01 -12.63 -14.92
C LEU A 310 14.39 -13.03 -15.43
N THR A 311 14.48 -13.46 -16.68
CA THR A 311 15.79 -13.79 -17.26
C THR A 311 16.68 -12.56 -17.28
N ARG A 312 16.13 -11.40 -17.69
CA ARG A 312 16.91 -10.17 -17.73
C ARG A 312 17.55 -9.87 -16.38
N TYR A 313 16.84 -10.15 -15.29
CA TYR A 313 17.25 -9.68 -13.97
C TYR A 313 17.75 -10.79 -13.02
N TRP A 314 17.82 -12.04 -13.50
CA TRP A 314 18.19 -13.16 -12.63
C TRP A 314 19.63 -13.02 -12.10
N GLY A 315 20.55 -12.52 -12.93
CA GLY A 315 21.91 -12.34 -12.46
C GLY A 315 22.00 -11.34 -11.31
N GLN A 316 21.32 -10.21 -11.46
CA GLN A 316 21.24 -9.23 -10.38
C GLN A 316 20.59 -9.82 -9.13
N TYR A 317 19.53 -10.62 -9.31
CA TYR A 317 18.85 -11.23 -8.18
C TYR A 317 19.77 -12.15 -7.40
N LYS A 318 20.54 -12.97 -8.11
CA LYS A 318 21.47 -13.87 -7.45
C LYS A 318 22.60 -13.10 -6.75
N LYS A 319 23.05 -12.00 -7.36
CA LYS A 319 24.07 -11.19 -6.70
C LYS A 319 23.53 -10.58 -5.41
N GLY A 320 22.27 -10.15 -5.41
CA GLY A 320 21.69 -9.60 -4.20
C GLY A 320 21.48 -10.65 -3.13
N VAL A 321 21.03 -11.84 -3.54
CA VAL A 321 20.95 -12.95 -2.61
C VAL A 321 22.32 -13.18 -1.96
N GLN A 322 23.40 -13.19 -2.76
CA GLN A 322 24.73 -13.42 -2.20
C GLN A 322 25.13 -12.29 -1.24
N TRP A 323 24.78 -11.05 -1.58
CA TRP A 323 25.08 -9.94 -0.67
C TRP A 323 24.40 -10.12 0.68
N ALA A 324 23.14 -10.57 0.67
CA ALA A 324 22.47 -10.85 1.93
C ALA A 324 23.13 -12.01 2.66
N LEU A 325 23.46 -13.09 1.95
CA LEU A 325 24.07 -14.25 2.58
C LEU A 325 25.47 -13.98 3.13
N SER A 326 26.13 -12.93 2.65
CA SER A 326 27.44 -12.59 3.18
C SER A 326 27.40 -12.18 4.64
N GLY A 327 26.21 -11.86 5.17
CA GLY A 327 26.06 -11.48 6.56
C GLY A 327 25.83 -12.62 7.52
N VAL A 328 25.40 -13.77 7.00
CA VAL A 328 25.23 -14.96 7.83
C VAL A 328 26.59 -15.39 8.37
N ASP A 329 26.67 -15.55 9.68
CA ASP A 329 27.93 -15.77 10.38
C ASP A 329 28.03 -17.23 10.84
N SER A 330 28.86 -17.47 11.87
CA SER A 330 29.04 -18.82 12.39
C SER A 330 27.81 -19.34 13.11
N THR A 331 26.98 -18.45 13.66
CA THR A 331 25.77 -18.87 14.33
C THR A 331 24.76 -19.49 13.37
N GLY A 332 24.90 -19.26 12.07
CA GLY A 332 23.90 -19.66 11.11
C GLY A 332 22.86 -18.61 10.82
N LEU A 333 22.85 -17.52 11.59
CA LEU A 333 21.94 -16.41 11.39
C LEU A 333 22.69 -15.20 10.85
N ALA A 334 21.92 -14.27 10.28
CA ALA A 334 22.46 -13.02 9.78
C ALA A 334 22.69 -12.04 10.93
N ASN A 335 23.84 -11.38 10.91
CA ASN A 335 24.23 -10.40 11.93
C ASN A 335 24.18 -9.02 11.28
N ILE A 336 23.13 -8.27 11.55
CA ILE A 336 22.86 -7.03 10.82
C ILE A 336 23.68 -5.89 11.42
N THR A 337 24.29 -5.10 10.54
CA THR A 337 25.04 -3.90 10.94
C THR A 337 24.42 -2.63 10.42
N ALA A 338 23.27 -2.70 9.76
CA ALA A 338 22.57 -1.54 9.21
C ALA A 338 21.25 -1.37 9.94
N SER A 339 21.08 -0.21 10.60
CA SER A 339 19.86 0.05 11.37
C SER A 339 18.70 0.51 10.49
N ALA A 340 18.94 0.87 9.24
CA ALA A 340 17.86 1.36 8.38
C ALA A 340 16.87 0.26 8.08
N ASP A 341 15.61 0.51 8.42
CA ASP A 341 14.52 -0.42 8.11
C ASP A 341 13.28 0.40 7.76
N TRP A 342 12.09 -0.04 8.19
CA TRP A 342 10.86 0.68 7.91
C TRP A 342 10.65 1.87 8.84
N LEU A 343 11.73 2.56 9.22
CA LEU A 343 11.75 3.66 10.16
C LEU A 343 11.55 3.20 11.61
N ARG A 344 11.67 1.90 11.86
CA ARG A 344 11.67 1.35 13.21
C ARG A 344 13.06 1.46 13.84
N PHE A 345 13.09 1.34 15.16
CA PHE A 345 14.31 1.46 15.93
C PHE A 345 14.87 0.08 16.27
N GLY A 346 16.10 0.06 16.77
CA GLY A 346 16.72 -1.16 17.26
C GLY A 346 17.16 -2.17 16.23
N MET A 347 17.25 -1.79 14.97
CA MET A 347 17.63 -2.74 13.92
C MET A 347 19.12 -3.04 14.04
N GLY A 348 19.45 -4.23 14.51
CA GLY A 348 20.83 -4.69 14.50
C GLY A 348 20.89 -6.15 14.93
N ALA A 349 22.07 -6.72 14.76
CA ALA A 349 22.46 -8.04 15.30
C ALA A 349 21.54 -9.12 14.71
N HIS A 350 21.10 -10.10 15.51
CA HIS A 350 20.33 -11.24 15.01
C HIS A 350 18.83 -10.93 15.11
N ASN A 351 18.39 -10.05 14.23
CA ASN A 351 16.99 -9.65 14.20
C ASN A 351 16.13 -10.78 13.67
N ILE A 352 15.01 -11.02 14.35
CA ILE A 352 14.06 -12.04 13.89
C ILE A 352 13.43 -11.61 12.57
N GLU A 353 13.18 -10.31 12.39
CA GLU A 353 12.56 -9.84 11.16
C GLU A 353 13.51 -9.97 9.98
N ALA A 354 14.76 -9.59 10.16
CA ALA A 354 15.73 -9.68 9.08
C ALA A 354 15.91 -11.13 8.64
N ASN A 355 16.08 -12.04 9.60
CA ASN A 355 16.28 -13.44 9.24
C ASN A 355 15.01 -14.08 8.73
N ALA A 356 13.84 -13.59 9.16
CA ALA A 356 12.59 -14.11 8.61
C ALA A 356 12.44 -13.70 7.15
N ILE A 357 12.68 -12.42 6.85
CA ILE A 357 12.67 -11.97 5.46
C ILE A 357 13.72 -12.73 4.66
N LEU A 358 14.87 -13.03 5.28
CA LEU A 358 15.92 -13.76 4.58
C LEU A 358 15.48 -15.18 4.26
N TYR A 359 14.82 -15.85 5.22
CA TYR A 359 14.29 -17.18 4.96
C TYR A 359 13.27 -17.15 3.81
N TYR A 360 12.33 -16.20 3.88
CA TYR A 360 11.34 -16.04 2.81
C TYR A 360 12.00 -15.80 1.47
N VAL A 361 13.07 -15.00 1.46
CA VAL A 361 13.78 -14.66 0.24
C VAL A 361 14.49 -15.88 -0.32
N LEU A 362 15.15 -16.64 0.54
CA LEU A 362 15.86 -17.85 0.10
C LEU A 362 14.88 -18.86 -0.49
N ASN A 363 13.70 -19.00 0.10
CA ASN A 363 12.72 -19.92 -0.47
C ASN A 363 12.19 -19.38 -1.81
N ASP A 364 11.96 -18.07 -1.90
CA ASP A 364 11.61 -17.47 -3.18
C ASP A 364 12.67 -17.77 -4.23
N ALA A 365 13.94 -17.62 -3.85
CA ALA A 365 15.05 -17.81 -4.77
C ALA A 365 15.14 -19.26 -5.22
N ILE A 366 14.91 -20.20 -4.30
CA ILE A 366 14.91 -21.61 -4.69
C ILE A 366 13.80 -21.88 -5.69
N SER A 367 12.60 -21.36 -5.41
CA SER A 367 11.49 -21.52 -6.35
C SER A 367 11.84 -20.96 -7.72
N LEU A 368 12.44 -19.77 -7.76
CA LEU A 368 12.77 -19.12 -9.02
C LEU A 368 13.81 -19.90 -9.80
N ALA A 369 14.86 -20.35 -9.11
CA ALA A 369 15.93 -21.09 -9.76
C ALA A 369 15.45 -22.44 -10.25
N GLN A 370 14.48 -23.06 -9.58
CA GLN A 370 13.87 -24.26 -10.14
C GLN A 370 13.04 -23.93 -11.38
N SER A 371 12.34 -22.79 -11.37
CA SER A 371 11.63 -22.36 -12.57
C SER A 371 12.59 -22.11 -13.74
N LEU A 372 13.82 -21.70 -13.45
CA LEU A 372 14.79 -21.39 -14.49
C LEU A 372 15.76 -22.53 -14.77
N ASN A 373 15.62 -23.66 -14.08
CA ASN A 373 16.52 -24.79 -14.22
C ASN A 373 17.97 -24.40 -13.92
N ASP A 374 18.14 -23.55 -12.90
CA ASP A 374 19.47 -23.13 -12.44
C ASP A 374 19.73 -23.85 -11.12
N ASN A 375 20.08 -25.13 -11.22
CA ASN A 375 20.15 -25.97 -10.04
C ASN A 375 21.40 -25.75 -9.21
N ALA A 376 22.42 -25.07 -9.74
CA ALA A 376 23.68 -24.97 -9.02
C ALA A 376 23.54 -24.32 -7.65
N PRO A 377 22.89 -23.17 -7.49
CA PRO A 377 22.82 -22.54 -6.16
C PRO A 377 21.81 -23.15 -5.21
N ILE A 378 21.11 -24.22 -5.59
CA ILE A 378 19.96 -24.69 -4.83
C ILE A 378 20.41 -25.31 -3.50
N ARG A 379 21.45 -26.14 -3.53
CA ARG A 379 21.86 -26.84 -2.31
C ARG A 379 22.26 -25.85 -1.22
N ASN A 380 23.10 -24.87 -1.57
CA ASN A 380 23.54 -23.91 -0.57
C ASN A 380 22.37 -23.11 0.00
N TRP A 381 21.47 -22.67 -0.87
CA TRP A 381 20.33 -21.87 -0.42
C TRP A 381 19.43 -22.67 0.51
N THR A 382 19.12 -23.91 0.13
CA THR A 382 18.28 -24.76 0.96
C THR A 382 18.92 -25.01 2.32
N ALA A 383 20.20 -25.39 2.33
CA ALA A 383 20.87 -25.65 3.60
C ALA A 383 20.91 -24.40 4.47
N THR A 384 21.22 -23.25 3.89
CA THR A 384 21.27 -22.01 4.67
C THR A 384 19.91 -21.68 5.25
N ALA A 385 18.84 -21.84 4.47
CA ALA A 385 17.50 -21.55 4.97
C ALA A 385 17.13 -22.46 6.12
N ALA A 386 17.43 -23.76 5.99
CA ALA A 386 17.14 -24.69 7.07
C ALA A 386 17.91 -24.31 8.33
N ARG A 387 19.18 -23.93 8.19
CA ARG A 387 19.96 -23.55 9.36
C ARG A 387 19.42 -22.29 10.01
N ILE A 388 19.03 -21.30 9.20
CA ILE A 388 18.41 -20.09 9.73
C ILE A 388 17.20 -20.45 10.57
N LYS A 389 16.33 -21.32 10.03
CA LYS A 389 15.14 -21.73 10.76
C LYS A 389 15.51 -22.38 12.10
N THR A 390 16.38 -23.39 12.06
CA THR A 390 16.77 -24.10 13.27
C THR A 390 17.31 -23.14 14.33
N VAL A 391 18.35 -22.38 13.99
CA VAL A 391 19.01 -21.57 15.01
C VAL A 391 18.13 -20.40 15.43
N ALA A 392 17.28 -19.88 14.53
CA ALA A 392 16.37 -18.81 14.92
C ALA A 392 15.41 -19.30 15.99
N ASN A 393 14.91 -20.52 15.85
CA ASN A 393 14.00 -21.04 16.87
C ASN A 393 14.74 -21.47 18.14
N GLU A 394 16.01 -21.84 18.03
CA GLU A 394 16.77 -22.17 19.24
C GLU A 394 17.12 -20.92 20.04
N LEU A 395 17.50 -19.84 19.37
CA LEU A 395 18.09 -18.68 20.01
C LEU A 395 17.13 -17.52 20.21
N LEU A 396 16.02 -17.48 19.49
CA LEU A 396 15.14 -16.31 19.51
C LEU A 396 13.73 -16.59 19.99
N TRP A 397 13.37 -17.86 20.19
CA TRP A 397 12.01 -18.19 20.60
C TRP A 397 11.88 -18.07 22.11
N ASP A 398 10.89 -17.29 22.55
CA ASP A 398 10.60 -17.09 23.98
C ASP A 398 9.33 -17.90 24.27
N ASP A 399 9.53 -19.15 24.72
CA ASP A 399 8.40 -20.04 24.97
C ASP A 399 7.47 -19.50 26.04
N LYS A 400 8.02 -18.75 27.00
CA LYS A 400 7.20 -18.17 28.06
C LYS A 400 6.17 -17.20 27.48
N ASN A 401 6.63 -16.16 26.80
CA ASN A 401 5.74 -15.14 26.27
C ASN A 401 5.14 -15.51 24.93
N GLY A 402 5.50 -16.68 24.38
CA GLY A 402 4.91 -17.15 23.15
C GLY A 402 5.24 -16.33 21.93
N LEU A 403 6.37 -15.61 21.94
CA LEU A 403 6.79 -14.76 20.84
C LEU A 403 8.29 -14.94 20.59
N TYR A 404 8.72 -14.47 19.42
CA TYR A 404 10.15 -14.30 19.17
C TYR A 404 10.62 -12.99 19.75
N THR A 405 11.83 -12.98 20.29
CA THR A 405 12.43 -11.72 20.71
C THR A 405 13.07 -11.03 19.52
N ASP A 406 13.45 -9.76 19.72
CA ASP A 406 14.03 -9.00 18.62
C ASP A 406 15.42 -9.54 18.26
N ASN A 407 16.22 -9.88 19.27
CA ASN A 407 17.49 -10.56 19.06
C ASN A 407 17.78 -11.43 20.27
N GLU A 408 19.00 -11.95 20.34
CA GLU A 408 19.36 -12.85 21.44
C GLU A 408 19.58 -12.11 22.76
N THR A 409 19.67 -10.78 22.75
CA THR A 409 20.01 -10.02 23.95
C THR A 409 18.98 -8.94 24.24
N THR A 410 17.70 -9.27 24.16
CA THR A 410 16.65 -8.30 24.44
C THR A 410 15.40 -9.00 24.89
N THR A 411 14.54 -8.25 25.56
CA THR A 411 13.24 -8.75 26.01
C THR A 411 12.09 -8.28 25.13
N LEU A 412 12.37 -7.47 24.12
CA LEU A 412 11.33 -6.96 23.25
C LEU A 412 10.90 -8.01 22.25
N HIS A 413 9.60 -8.19 22.11
CA HIS A 413 9.02 -9.06 21.10
C HIS A 413 8.40 -8.19 20.01
N PRO A 414 8.94 -8.17 18.79
CA PRO A 414 8.48 -7.22 17.78
C PRO A 414 7.28 -7.72 16.99
N GLN A 415 6.46 -6.75 16.55
CA GLN A 415 5.33 -7.09 15.70
C GLN A 415 5.80 -7.47 14.30
N ASP A 416 6.76 -6.73 13.74
CA ASP A 416 7.25 -7.04 12.40
C ASP A 416 7.91 -8.41 12.35
N GLY A 417 8.83 -8.68 13.29
CA GLY A 417 9.54 -9.93 13.28
C GLY A 417 8.63 -11.13 13.43
N ASN A 418 7.71 -11.06 14.39
CA ASN A 418 6.78 -12.18 14.60
C ASN A 418 5.83 -12.33 13.41
N SER A 419 5.31 -11.23 12.89
CA SER A 419 4.45 -11.30 11.71
C SER A 419 5.17 -12.00 10.57
N TRP A 420 6.40 -11.57 10.26
CA TRP A 420 7.16 -12.15 9.16
C TRP A 420 7.54 -13.59 9.45
N ALA A 421 7.82 -13.93 10.71
CA ALA A 421 8.13 -15.31 11.06
C ALA A 421 6.93 -16.22 10.84
N VAL A 422 5.72 -15.68 10.94
CA VAL A 422 4.56 -16.51 10.59
C VAL A 422 4.35 -16.54 9.08
N LYS A 423 4.51 -15.40 8.42
CA LYS A 423 4.31 -15.32 6.97
C LYS A 423 5.29 -16.23 6.25
N ALA A 424 6.58 -16.07 6.52
CA ALA A 424 7.53 -17.11 6.19
C ALA A 424 7.28 -18.33 7.07
N ASN A 425 7.68 -19.49 6.58
CA ASN A 425 7.46 -20.74 7.33
C ASN A 425 8.51 -20.96 8.41
N LEU A 426 8.85 -19.91 9.18
CA LEU A 426 9.93 -19.99 10.15
C LEU A 426 9.52 -20.73 11.42
N THR A 427 8.23 -20.81 11.71
CA THR A 427 7.79 -21.53 12.90
C THR A 427 8.03 -23.03 12.73
N LEU A 428 8.33 -23.69 13.85
CA LEU A 428 8.58 -25.12 13.85
C LEU A 428 7.31 -25.95 13.74
N SER A 429 6.14 -25.34 13.87
CA SER A 429 4.89 -26.08 13.88
C SER A 429 3.74 -25.10 13.68
N ALA A 430 2.60 -25.63 13.24
CA ALA A 430 1.39 -24.82 13.15
C ALA A 430 0.94 -24.34 14.52
N ASN A 431 1.13 -25.18 15.55
CA ASN A 431 0.80 -24.78 16.92
C ASN A 431 1.52 -23.49 17.28
N GLN A 432 2.81 -23.41 16.96
CA GLN A 432 3.59 -22.22 17.28
C GLN A 432 3.08 -20.99 16.54
N SER A 433 2.65 -21.18 15.29
CA SER A 433 2.07 -20.06 14.56
C SER A 433 0.80 -19.58 15.24
N ALA A 434 0.01 -20.51 15.76
CA ALA A 434 -1.19 -20.15 16.51
C ALA A 434 -0.85 -19.38 17.80
N ILE A 435 0.17 -19.84 18.53
CA ILE A 435 0.61 -19.13 19.73
C ILE A 435 1.03 -17.70 19.39
N ILE A 436 1.76 -17.53 18.29
CA ILE A 436 2.20 -16.18 17.92
C ILE A 436 1.01 -15.31 17.56
N SER A 437 0.04 -15.87 16.82
CA SER A 437 -1.16 -15.12 16.46
C SER A 437 -1.89 -14.65 17.71
N GLU A 438 -2.12 -15.58 18.65
CA GLU A 438 -2.83 -15.23 19.88
C GLU A 438 -2.07 -14.16 20.65
N SER A 439 -0.76 -14.33 20.80
CA SER A 439 0.01 -13.37 21.59
C SER A 439 0.01 -11.99 20.94
N LEU A 440 0.10 -11.95 19.60
CA LEU A 440 0.05 -10.68 18.90
C LEU A 440 -1.31 -10.01 19.07
N ALA A 441 -2.39 -10.80 19.00
CA ALA A 441 -3.72 -10.23 19.16
C ALA A 441 -3.95 -9.74 20.58
N ALA A 442 -3.34 -10.39 21.57
CA ALA A 442 -3.49 -9.96 22.96
C ALA A 442 -2.88 -8.60 23.23
N ARG A 443 -2.07 -8.07 22.31
CA ARG A 443 -1.45 -6.76 22.50
C ARG A 443 -2.26 -5.63 21.90
N TRP A 444 -3.36 -5.92 21.23
CA TRP A 444 -4.13 -4.89 20.55
C TRP A 444 -4.56 -3.79 21.52
N GLY A 445 -4.64 -2.58 21.00
CA GLY A 445 -5.10 -1.46 21.78
C GLY A 445 -6.42 -0.95 21.24
N PRO A 446 -6.93 0.14 21.82
CA PRO A 446 -8.19 0.71 21.34
C PRO A 446 -8.10 1.30 19.95
N TYR A 447 -6.93 1.33 19.32
CA TYR A 447 -6.77 1.89 17.98
C TYR A 447 -6.01 0.99 17.03
N GLY A 448 -5.80 -0.28 17.36
CA GLY A 448 -5.18 -1.20 16.43
C GLY A 448 -4.11 -2.05 17.09
N ALA A 449 -3.26 -2.65 16.23
CA ALA A 449 -2.14 -3.48 16.65
C ALA A 449 -0.92 -2.62 16.90
N PRO A 450 -0.18 -2.84 17.99
CA PRO A 450 1.00 -2.02 18.27
C PRO A 450 2.27 -2.61 17.68
N ALA A 451 3.18 -1.70 17.32
CA ALA A 451 4.53 -2.05 16.86
C ALA A 451 5.50 -1.50 17.89
N PRO A 452 5.78 -2.26 18.96
CA PRO A 452 6.69 -1.75 20.00
C PRO A 452 8.10 -1.46 19.52
N GLU A 453 8.53 -2.09 18.42
CA GLU A 453 9.86 -1.81 17.88
C GLU A 453 9.99 -0.37 17.40
N ALA A 454 8.89 0.33 17.21
CA ALA A 454 8.89 1.72 16.81
C ALA A 454 8.20 2.60 17.85
N GLY A 455 8.23 2.19 19.11
CA GLY A 455 7.65 2.99 20.17
C GLY A 455 6.14 2.83 20.23
N ALA A 456 5.46 3.91 20.64
CA ALA A 456 4.01 3.88 20.79
C ALA A 456 3.34 4.08 19.45
N THR A 457 3.72 3.29 18.46
CA THR A 457 3.29 3.46 17.08
C THR A 457 2.39 2.31 16.67
N VAL A 458 1.42 2.62 15.82
CA VAL A 458 0.64 1.63 15.08
C VAL A 458 1.02 1.75 13.62
N SER A 459 1.56 0.67 13.05
CA SER A 459 2.00 0.68 11.66
C SER A 459 1.07 -0.16 10.81
N PRO A 460 0.20 0.44 9.99
CA PRO A 460 -0.59 -0.35 9.04
C PRO A 460 0.26 -1.22 8.13
N PHE A 461 1.48 -0.78 7.80
CA PHE A 461 2.42 -1.60 7.06
C PHE A 461 2.59 -2.96 7.72
N ILE A 462 3.04 -2.96 8.98
CA ILE A 462 3.17 -4.20 9.73
C ILE A 462 1.80 -4.83 9.99
N GLY A 463 0.74 -4.02 10.03
CA GLY A 463 -0.58 -4.57 10.24
C GLY A 463 -1.00 -5.52 9.13
N GLY A 464 -0.58 -5.23 7.89
CA GLY A 464 -0.90 -6.16 6.80
C GLY A 464 -0.21 -7.51 6.97
N PHE A 465 1.03 -7.49 7.45
CA PHE A 465 1.75 -8.73 7.68
C PHE A 465 1.15 -9.50 8.86
N GLU A 466 0.69 -8.78 9.88
CA GLU A 466 -0.04 -9.41 10.96
C GLU A 466 -1.33 -10.05 10.45
N LEU A 467 -2.02 -9.37 9.53
CA LEU A 467 -3.19 -9.96 8.89
C LEU A 467 -2.86 -11.29 8.24
N GLN A 468 -1.80 -11.30 7.43
CA GLN A 468 -1.42 -12.54 6.76
C GLN A 468 -1.06 -13.62 7.78
N ALA A 469 -0.40 -13.23 8.88
CA ALA A 469 -0.10 -14.18 9.95
C ALA A 469 -1.37 -14.77 10.55
N HIS A 470 -2.34 -13.92 10.88
CA HIS A 470 -3.58 -14.40 11.48
C HIS A 470 -4.27 -15.37 10.54
N TYR A 471 -4.37 -15.00 9.26
CA TYR A 471 -4.99 -15.88 8.28
C TYR A 471 -4.25 -17.22 8.20
N GLN A 472 -2.92 -17.18 8.21
CA GLN A 472 -2.12 -18.38 8.07
C GLN A 472 -2.09 -19.24 9.33
N ALA A 473 -2.47 -18.69 10.48
CA ALA A 473 -2.53 -19.47 11.70
C ALA A 473 -3.86 -20.21 11.85
N GLY A 474 -4.83 -19.94 10.99
CA GLY A 474 -6.15 -20.50 11.12
C GLY A 474 -7.14 -19.61 11.84
N GLN A 475 -6.94 -18.29 11.80
CA GLN A 475 -7.76 -17.33 12.53
C GLN A 475 -8.24 -16.24 11.59
N PRO A 476 -9.14 -16.56 10.65
CA PRO A 476 -9.63 -15.52 9.75
C PRO A 476 -10.41 -14.43 10.48
N ASP A 477 -11.19 -14.80 11.50
CA ASP A 477 -12.01 -13.83 12.22
C ASP A 477 -11.18 -12.92 13.12
N ARG A 478 -10.08 -13.42 13.66
CA ARG A 478 -9.12 -12.54 14.31
C ARG A 478 -8.64 -11.47 13.33
N ALA A 479 -8.30 -11.87 12.11
CA ALA A 479 -7.82 -10.91 11.10
C ALA A 479 -8.93 -9.94 10.70
N LEU A 480 -10.16 -10.41 10.59
CA LEU A 480 -11.27 -9.53 10.29
C LEU A 480 -11.51 -8.54 11.44
N ASP A 481 -11.31 -8.97 12.69
CA ASP A 481 -11.44 -8.07 13.82
C ASP A 481 -10.35 -7.00 13.78
N LEU A 482 -9.12 -7.38 13.42
CA LEU A 482 -8.07 -6.38 13.28
C LEU A 482 -8.39 -5.41 12.16
N LEU A 483 -8.93 -5.92 11.05
CA LEU A 483 -9.38 -5.07 9.94
C LEU A 483 -10.37 -4.03 10.43
N ARG A 484 -11.45 -4.48 11.06
CA ARG A 484 -12.47 -3.57 11.59
C ARG A 484 -11.86 -2.55 12.54
N LEU A 485 -11.22 -3.02 13.61
CA LEU A 485 -10.65 -2.14 14.63
C LEU A 485 -9.71 -1.09 14.03
N GLN A 486 -8.68 -1.54 13.31
CA GLN A 486 -7.62 -0.63 12.84
C GLN A 486 -8.02 0.13 11.58
N TRP A 487 -8.43 -0.59 10.53
CA TRP A 487 -8.67 0.08 9.27
C TRP A 487 -10.00 0.84 9.26
N GLY A 488 -11.00 0.43 10.05
CA GLY A 488 -12.17 1.27 10.20
C GLY A 488 -11.85 2.57 10.88
N PHE A 489 -10.85 2.56 11.77
CA PHE A 489 -10.34 3.81 12.32
C PHE A 489 -9.67 4.66 11.24
N MET A 490 -8.74 4.06 10.48
CA MET A 490 -8.07 4.82 9.42
C MET A 490 -9.04 5.32 8.35
N LEU A 491 -10.20 4.67 8.19
CA LEU A 491 -11.16 5.06 7.16
C LEU A 491 -12.23 6.03 7.66
N ASP A 492 -12.70 5.85 8.89
CA ASP A 492 -13.88 6.55 9.40
C ASP A 492 -13.56 7.57 10.47
N ASP A 493 -12.34 7.65 10.96
CA ASP A 493 -11.99 8.71 11.89
C ASP A 493 -12.17 10.06 11.20
N PRO A 494 -12.81 11.04 11.85
CA PRO A 494 -13.09 12.31 11.16
C PRO A 494 -11.85 13.07 10.71
N ARG A 495 -10.68 12.78 11.30
CA ARG A 495 -9.45 13.42 10.86
C ARG A 495 -8.86 12.77 9.62
N MET A 496 -9.34 11.60 9.22
CA MET A 496 -8.76 10.90 8.08
C MET A 496 -9.39 11.42 6.79
N THR A 497 -9.15 10.71 5.70
CA THR A 497 -9.58 11.13 4.38
C THR A 497 -10.80 10.38 3.87
N ASN A 498 -11.12 9.22 4.44
CA ASN A 498 -12.30 8.44 4.09
C ASN A 498 -12.20 7.85 2.69
N SER A 499 -11.02 7.91 2.08
CA SER A 499 -10.77 7.38 0.74
C SER A 499 -9.43 6.66 0.66
N THR A 500 -8.37 7.25 1.23
CA THR A 500 -7.03 6.67 1.26
C THR A 500 -6.63 6.33 2.70
N PHE A 501 -5.52 5.61 2.84
CA PHE A 501 -5.08 5.10 4.13
C PHE A 501 -3.80 5.79 4.60
N ILE A 502 -3.63 5.87 5.92
CA ILE A 502 -2.58 6.70 6.49
C ILE A 502 -1.26 5.93 6.53
N GLU A 503 -0.15 6.68 6.60
CA GLU A 503 1.18 6.08 6.68
C GLU A 503 1.45 5.45 8.04
N GLY A 504 0.91 6.04 9.11
CA GLY A 504 1.04 5.49 10.45
C GLY A 504 0.56 6.50 11.47
N TYR A 505 0.41 6.04 12.71
CA TYR A 505 -0.05 6.91 13.79
C TYR A 505 0.34 6.29 15.13
N SER A 506 -0.27 6.78 16.21
CA SER A 506 0.15 6.42 17.56
C SER A 506 -0.89 5.54 18.24
N THR A 507 -0.44 4.79 19.25
CA THR A 507 -1.31 3.84 19.92
C THR A 507 -2.42 4.52 20.70
N ASP A 508 -2.24 5.78 21.06
CA ASP A 508 -3.25 6.54 21.80
C ASP A 508 -4.29 7.17 20.89
N GLY A 509 -4.23 6.91 19.58
CA GLY A 509 -5.20 7.44 18.65
C GLY A 509 -4.83 8.78 18.05
N SER A 510 -3.70 9.37 18.43
CA SER A 510 -3.25 10.60 17.81
C SER A 510 -2.53 10.30 16.50
N LEU A 511 -2.56 11.28 15.60
CA LEU A 511 -1.90 11.15 14.31
C LEU A 511 -0.41 11.46 14.39
N VAL A 512 0.14 11.52 15.60
CA VAL A 512 1.58 11.61 15.79
C VAL A 512 2.23 10.35 15.23
N TYR A 513 3.22 10.54 14.37
CA TYR A 513 4.05 9.44 13.87
C TYR A 513 5.45 9.66 14.41
N ALA A 514 5.90 8.75 15.29
CA ALA A 514 7.10 8.95 16.10
C ALA A 514 8.32 9.50 15.35
N PRO A 515 8.72 8.99 14.18
CA PRO A 515 9.93 9.54 13.54
C PRO A 515 9.80 10.98 13.07
N TYR A 516 8.60 11.49 12.87
CA TYR A 516 8.39 12.81 12.29
C TYR A 516 7.97 13.78 13.39
N THR A 517 8.77 14.83 13.61
CA THR A 517 8.33 15.91 14.50
C THR A 517 7.28 16.77 13.84
N ASN A 518 7.31 16.87 12.51
CA ASN A 518 6.38 17.69 11.73
C ASN A 518 5.13 16.86 11.46
N ARG A 519 4.17 16.94 12.40
CA ARG A 519 2.97 16.12 12.30
C ARG A 519 2.17 16.28 11.00
N PRO A 520 2.03 17.48 10.41
CA PRO A 520 1.27 17.58 9.15
C PRO A 520 1.93 16.90 7.97
N ARG A 521 3.20 16.50 8.08
CA ARG A 521 3.88 15.80 7.00
C ARG A 521 3.54 14.33 6.93
N VAL A 522 2.91 13.77 7.97
CA VAL A 522 2.35 12.43 7.85
C VAL A 522 1.40 12.41 6.68
N SER A 523 1.70 11.57 5.70
CA SER A 523 0.85 11.45 4.52
C SER A 523 -0.29 10.49 4.77
N HIS A 524 -1.47 10.85 4.26
CA HIS A 524 -2.68 10.06 4.45
C HIS A 524 -3.00 9.18 3.25
N ALA A 525 -2.00 8.91 2.39
CA ALA A 525 -2.21 8.03 1.24
C ALA A 525 -0.90 7.30 0.97
N HIS A 526 -0.71 6.17 1.66
CA HIS A 526 0.50 5.35 1.52
C HIS A 526 0.14 3.95 1.06
N GLY A 527 0.82 3.50 -0.01
CA GLY A 527 0.52 2.19 -0.57
C GLY A 527 0.76 1.04 0.38
N TRP A 528 1.69 1.19 1.33
CA TRP A 528 2.03 0.06 2.19
C TRP A 528 0.98 -0.22 3.24
N SER A 529 -0.04 0.64 3.34
CA SER A 529 -1.16 0.46 4.24
C SER A 529 -2.36 -0.20 3.57
N THR A 530 -2.16 -0.79 2.38
CA THR A 530 -3.25 -1.39 1.62
C THR A 530 -3.27 -2.91 1.71
N GLY A 531 -2.62 -3.48 2.75
CA GLY A 531 -2.67 -4.90 2.98
C GLY A 531 -4.03 -5.55 2.95
N PRO A 532 -5.09 -4.87 3.44
CA PRO A 532 -6.42 -5.52 3.42
C PRO A 532 -6.90 -5.93 2.05
N THR A 533 -6.58 -5.19 1.00
CA THR A 533 -7.07 -5.54 -0.33
C THR A 533 -6.59 -6.92 -0.77
N SER A 534 -5.26 -7.10 -0.77
CA SER A 534 -4.71 -8.39 -1.14
C SER A 534 -5.08 -9.46 -0.12
N ALA A 535 -5.15 -9.11 1.16
CA ALA A 535 -5.49 -10.10 2.18
C ALA A 535 -6.90 -10.66 1.98
N LEU A 536 -7.88 -9.75 1.81
CA LEU A 536 -9.27 -10.16 1.62
C LEU A 536 -9.43 -10.95 0.34
N THR A 537 -8.71 -10.59 -0.72
CA THR A 537 -8.85 -11.33 -1.97
C THR A 537 -8.19 -12.70 -1.88
N ILE A 538 -6.99 -12.76 -1.32
CA ILE A 538 -6.20 -13.99 -1.34
C ILE A 538 -6.67 -14.97 -0.27
N TYR A 539 -6.93 -14.47 0.94
CA TYR A 539 -7.20 -15.35 2.07
C TYR A 539 -8.68 -15.54 2.35
N THR A 540 -9.45 -14.45 2.47
CA THR A 540 -10.88 -14.58 2.73
C THR A 540 -11.59 -15.21 1.54
N ALA A 541 -11.33 -14.71 0.34
CA ALA A 541 -11.92 -15.30 -0.85
C ALA A 541 -11.22 -16.59 -1.28
N GLY A 542 -9.92 -16.72 -0.98
CA GLY A 542 -9.21 -17.96 -1.20
C GLY A 542 -8.49 -18.12 -2.52
N LEU A 543 -8.39 -17.07 -3.33
CA LEU A 543 -7.70 -17.15 -4.62
C LEU A 543 -6.23 -16.87 -4.42
N ARG A 544 -5.39 -17.91 -4.48
CA ARG A 544 -3.96 -17.75 -4.25
C ARG A 544 -3.20 -18.22 -5.48
N VAL A 545 -2.50 -17.31 -6.15
CA VAL A 545 -1.59 -17.75 -7.21
C VAL A 545 -0.42 -18.48 -6.58
N THR A 546 -0.10 -19.65 -7.12
CA THR A 546 1.07 -20.41 -6.69
C THR A 546 2.04 -20.64 -7.86
N GLY A 547 1.76 -20.04 -9.02
CA GLY A 547 2.59 -20.21 -10.19
C GLY A 547 2.53 -19.00 -11.10
N PRO A 548 3.52 -18.86 -11.99
CA PRO A 548 3.62 -17.66 -12.84
C PRO A 548 2.34 -17.27 -13.56
N ALA A 549 1.83 -16.06 -13.26
CA ALA A 549 0.60 -15.55 -13.84
C ALA A 549 -0.60 -16.43 -13.54
N GLY A 550 -0.48 -17.31 -12.56
CA GLY A 550 -1.56 -18.20 -12.21
C GLY A 550 -1.52 -19.54 -12.92
N ALA A 551 -0.35 -19.91 -13.47
CA ALA A 551 -0.23 -21.22 -14.09
C ALA A 551 -0.65 -22.32 -13.12
N THR A 552 -0.19 -22.24 -11.88
CA THR A 552 -0.72 -23.05 -10.81
C THR A 552 -1.39 -22.14 -9.78
N TRP A 553 -2.38 -22.70 -9.09
CA TRP A 553 -3.12 -21.89 -8.14
C TRP A 553 -3.60 -22.77 -6.99
N LEU A 554 -4.18 -22.11 -5.99
CA LEU A 554 -4.70 -22.80 -4.82
C LEU A 554 -5.91 -22.02 -4.33
N TYR A 555 -7.02 -22.75 -4.16
CA TYR A 555 -8.27 -22.17 -3.68
C TYR A 555 -8.45 -22.58 -2.22
N LYS A 556 -8.32 -21.60 -1.32
CA LYS A 556 -8.41 -21.83 0.13
C LYS A 556 -9.16 -20.68 0.76
N PRO A 557 -10.48 -20.63 0.57
CA PRO A 557 -11.28 -19.59 1.23
C PRO A 557 -11.25 -19.77 2.74
N GLN A 558 -11.00 -18.66 3.44
CA GLN A 558 -11.00 -18.64 4.91
C GLN A 558 -12.09 -17.67 5.37
N PRO A 559 -13.36 -18.06 5.22
CA PRO A 559 -14.44 -17.08 5.35
C PRO A 559 -14.59 -16.51 6.76
N GLY A 560 -14.29 -17.28 7.79
CA GLY A 560 -14.61 -16.82 9.12
C GLY A 560 -16.11 -16.81 9.30
N ASN A 561 -16.64 -15.73 9.87
CA ASN A 561 -18.06 -15.56 10.10
C ASN A 561 -18.71 -14.70 9.02
N LEU A 562 -18.24 -14.82 7.78
CA LEU A 562 -18.82 -14.10 6.66
C LEU A 562 -19.88 -14.97 6.00
N THR A 563 -21.00 -14.34 5.61
CA THR A 563 -22.09 -15.08 5.00
C THR A 563 -22.11 -15.01 3.48
N GLN A 564 -21.55 -13.97 2.89
CA GLN A 564 -21.43 -13.86 1.45
C GLN A 564 -20.06 -13.27 1.12
N VAL A 565 -19.37 -13.85 0.14
CA VAL A 565 -18.07 -13.36 -0.31
C VAL A 565 -17.97 -13.58 -1.81
N GLU A 566 -17.69 -12.51 -2.56
CA GLU A 566 -17.44 -12.58 -3.98
C GLU A 566 -16.19 -11.77 -4.28
N ALA A 567 -15.26 -12.34 -5.04
CA ALA A 567 -14.04 -11.62 -5.37
C ALA A 567 -13.50 -12.11 -6.70
N GLY A 568 -12.60 -11.32 -7.28
CA GLY A 568 -11.99 -11.70 -8.54
C GLY A 568 -10.88 -10.75 -8.92
N PHE A 569 -10.03 -11.25 -9.82
CA PHE A 569 -8.98 -10.43 -10.42
C PHE A 569 -8.59 -11.10 -11.73
N SER A 570 -7.57 -10.56 -12.38
CA SER A 570 -7.14 -11.06 -13.68
C SER A 570 -5.62 -11.12 -13.74
N THR A 571 -5.13 -12.08 -14.52
CA THR A 571 -3.74 -12.12 -14.97
C THR A 571 -3.74 -12.35 -16.47
N ARG A 572 -2.55 -12.36 -17.06
CA ARG A 572 -2.44 -12.56 -18.50
C ARG A 572 -2.96 -13.92 -18.93
N LEU A 573 -3.00 -14.89 -18.00
CA LEU A 573 -3.58 -16.19 -18.33
C LEU A 573 -5.11 -16.13 -18.41
N GLY A 574 -5.74 -15.24 -17.66
CA GLY A 574 -7.19 -15.15 -17.68
C GLY A 574 -7.74 -14.66 -16.34
N SER A 575 -8.99 -15.02 -16.10
CA SER A 575 -9.78 -14.46 -15.00
C SER A 575 -9.85 -15.43 -13.83
N PHE A 576 -9.57 -14.92 -12.63
CA PHE A 576 -9.75 -15.65 -11.39
C PHE A 576 -10.97 -15.09 -10.67
N ALA A 577 -11.83 -15.98 -10.19
CA ALA A 577 -13.07 -15.56 -9.54
C ALA A 577 -13.42 -16.55 -8.44
N SER A 578 -13.99 -16.04 -7.34
CA SER A 578 -14.42 -16.82 -6.20
C SER A 578 -15.77 -16.31 -5.69
N SER A 579 -16.65 -17.22 -5.31
CA SER A 579 -18.00 -16.82 -4.88
C SER A 579 -18.58 -17.88 -3.95
N PHE A 580 -18.95 -17.49 -2.73
CA PHE A 580 -19.62 -18.42 -1.84
C PHE A 580 -20.57 -17.71 -0.89
N SER A 581 -21.53 -18.49 -0.39
CA SER A 581 -22.47 -18.06 0.63
C SER A 581 -22.62 -19.18 1.64
N ARG A 582 -22.66 -18.80 2.92
CA ARG A 582 -22.72 -19.72 4.05
C ARG A 582 -23.80 -19.28 5.04
N SER A 583 -24.08 -20.17 5.98
CA SER A 583 -24.88 -19.86 7.16
C SER A 583 -24.81 -21.01 8.16
N GLY A 584 -24.55 -20.69 9.41
CA GLY A 584 -24.40 -21.73 10.42
C GLY A 584 -23.16 -22.56 10.27
N GLY A 585 -22.07 -21.97 9.76
CA GLY A 585 -20.81 -22.69 9.64
C GLY A 585 -20.75 -23.71 8.53
N ARG A 586 -21.69 -23.66 7.59
CA ARG A 586 -21.71 -24.58 6.46
C ARG A 586 -21.89 -23.78 5.18
N TYR A 587 -21.19 -24.18 4.13
CA TYR A 587 -21.38 -23.55 2.83
C TYR A 587 -22.75 -23.92 2.28
N GLN A 588 -23.50 -22.91 1.84
CA GLN A 588 -24.67 -23.15 1.01
C GLN A 588 -24.31 -23.20 -0.46
N GLU A 589 -23.42 -22.32 -0.89
CA GLU A 589 -22.98 -22.32 -2.29
C GLU A 589 -21.51 -21.97 -2.34
N LEU A 590 -20.78 -22.62 -3.26
CA LEU A 590 -19.36 -22.38 -3.45
C LEU A 590 -19.02 -22.64 -4.90
N SER A 591 -18.39 -21.66 -5.55
CA SER A 591 -17.98 -21.78 -6.94
C SER A 591 -16.75 -20.92 -7.17
N PHE A 592 -15.92 -21.35 -8.13
CA PHE A 592 -14.76 -20.56 -8.49
C PHE A 592 -14.42 -20.75 -9.96
N THR A 593 -13.64 -19.82 -10.49
CA THR A 593 -13.21 -19.78 -11.88
C THR A 593 -11.71 -19.53 -11.93
N THR A 594 -11.00 -20.32 -12.72
CA THR A 594 -9.58 -20.18 -12.99
C THR A 594 -9.35 -20.22 -14.49
N PRO A 595 -8.28 -19.60 -14.98
CA PRO A 595 -8.03 -19.58 -16.42
C PRO A 595 -7.81 -20.98 -16.99
N ASN A 596 -8.31 -21.21 -18.20
CA ASN A 596 -8.14 -22.49 -18.86
C ASN A 596 -6.65 -22.79 -19.05
N GLY A 597 -6.33 -24.08 -19.07
CA GLY A 597 -4.96 -24.52 -19.24
C GLY A 597 -4.12 -24.48 -17.99
N THR A 598 -4.63 -23.94 -16.90
CA THR A 598 -3.94 -23.96 -15.61
C THR A 598 -4.40 -25.16 -14.79
N THR A 599 -3.57 -25.55 -13.84
CA THR A 599 -3.89 -26.63 -12.91
C THR A 599 -3.67 -26.15 -11.48
N GLY A 600 -4.57 -26.55 -10.58
CA GLY A 600 -4.45 -26.10 -9.21
C GLY A 600 -5.06 -27.08 -8.23
N SER A 601 -5.04 -26.68 -6.97
CA SER A 601 -5.53 -27.49 -5.86
C SER A 601 -6.54 -26.67 -5.05
N VAL A 602 -7.29 -27.36 -4.20
CA VAL A 602 -8.34 -26.74 -3.40
C VAL A 602 -8.22 -27.26 -1.96
N GLU A 603 -8.39 -26.36 -1.00
CA GLU A 603 -8.47 -26.69 0.43
C GLU A 603 -9.65 -25.94 1.02
N LEU A 604 -10.74 -26.65 1.32
CA LEU A 604 -11.96 -26.02 1.76
C LEU A 604 -12.22 -26.14 3.26
N GLY A 605 -11.55 -27.06 3.94
CA GLY A 605 -11.74 -27.23 5.37
C GLY A 605 -12.59 -28.45 5.72
N ASP A 606 -13.41 -28.33 6.76
CA ASP A 606 -14.31 -29.42 7.14
C ASP A 606 -15.51 -29.46 6.22
N VAL A 607 -15.27 -29.43 4.92
CA VAL A 607 -16.32 -29.48 3.90
C VAL A 607 -16.17 -30.79 3.13
N SER A 608 -17.25 -31.56 3.09
CA SER A 608 -17.27 -32.84 2.42
C SER A 608 -18.29 -32.78 1.28
N GLY A 609 -17.96 -33.42 0.18
CA GLY A 609 -18.80 -33.46 -0.99
C GLY A 609 -17.93 -33.53 -2.22
N GLN A 610 -18.51 -33.11 -3.33
CA GLN A 610 -17.91 -33.27 -4.65
C GLN A 610 -17.83 -31.95 -5.37
N LEU A 611 -16.75 -31.74 -6.12
CA LEU A 611 -16.63 -30.58 -7.00
C LEU A 611 -16.86 -31.03 -8.43
N VAL A 612 -17.73 -30.31 -9.15
CA VAL A 612 -18.08 -30.63 -10.53
C VAL A 612 -17.62 -29.49 -11.43
N SER A 613 -17.00 -29.85 -12.55
CA SER A 613 -16.55 -28.90 -13.55
C SER A 613 -17.71 -28.50 -14.45
N GLU A 614 -17.43 -27.57 -15.36
CA GLU A 614 -18.44 -27.19 -16.35
C GLU A 614 -18.79 -28.36 -17.26
N GLY A 615 -17.82 -29.24 -17.52
CA GLY A 615 -18.12 -30.41 -18.33
C GLY A 615 -18.91 -31.46 -17.57
N GLY A 616 -18.62 -31.61 -16.28
CA GLY A 616 -19.29 -32.61 -15.46
C GLY A 616 -18.32 -33.51 -14.73
N VAL A 617 -17.02 -33.26 -14.91
CA VAL A 617 -16.00 -34.02 -14.18
C VAL A 617 -16.22 -33.88 -12.69
N LYS A 618 -16.29 -35.00 -12.00
CA LYS A 618 -16.56 -35.04 -10.55
C LYS A 618 -15.29 -35.40 -9.80
N VAL A 619 -14.97 -34.62 -8.78
CA VAL A 619 -13.79 -34.84 -7.94
C VAL A 619 -14.25 -34.92 -6.49
N GLN A 620 -13.82 -35.96 -5.78
CA GLN A 620 -14.13 -36.17 -4.36
C GLN A 620 -13.23 -35.31 -3.47
N LEU A 621 -13.84 -34.54 -2.58
CA LEU A 621 -13.04 -33.88 -1.54
C LEU A 621 -12.58 -34.89 -0.50
N VAL A 622 -11.28 -35.06 -0.36
CA VAL A 622 -10.68 -35.93 0.64
C VAL A 622 -9.98 -35.05 1.66
N GLY A 623 -10.56 -34.95 2.86
CA GLY A 623 -10.04 -33.98 3.81
C GLY A 623 -10.25 -32.56 3.35
N GLY A 624 -11.34 -32.32 2.63
CA GLY A 624 -11.61 -30.99 2.12
C GLY A 624 -10.64 -30.52 1.06
N LYS A 625 -9.95 -31.45 0.40
CA LYS A 625 -8.89 -31.11 -0.54
C LYS A 625 -9.13 -31.79 -1.89
N ALA A 626 -8.33 -31.37 -2.87
CA ALA A 626 -8.35 -31.90 -4.23
C ALA A 626 -7.07 -31.44 -4.91
N SER A 627 -6.69 -32.14 -5.97
CA SER A 627 -5.41 -31.88 -6.59
C SER A 627 -5.49 -32.14 -8.09
N GLY A 628 -4.59 -31.50 -8.83
CA GLY A 628 -4.51 -31.72 -10.27
C GLY A 628 -5.73 -31.25 -11.04
N LEU A 629 -6.42 -30.26 -10.49
CA LEU A 629 -7.70 -29.81 -11.02
C LEU A 629 -7.45 -28.94 -12.25
N GLN A 630 -8.14 -29.22 -13.36
CA GLN A 630 -8.00 -28.38 -14.54
C GLN A 630 -8.67 -27.03 -14.31
N GLY A 631 -8.40 -26.09 -15.22
CA GLY A 631 -8.88 -24.72 -15.07
C GLY A 631 -10.24 -24.51 -15.72
N GLY A 632 -11.08 -23.76 -15.03
CA GLY A 632 -12.41 -23.49 -15.52
C GLY A 632 -13.34 -23.13 -14.36
N LYS A 633 -14.63 -23.27 -14.61
CA LYS A 633 -15.66 -23.03 -13.61
C LYS A 633 -15.93 -24.33 -12.85
N TRP A 634 -15.63 -24.34 -11.55
CA TRP A 634 -15.90 -25.46 -10.68
C TRP A 634 -16.92 -25.06 -9.62
N ARG A 635 -17.76 -26.02 -9.23
CA ARG A 635 -18.79 -25.76 -8.24
C ARG A 635 -18.87 -26.91 -7.25
N LEU A 636 -19.24 -26.59 -6.02
CA LEU A 636 -19.44 -27.60 -4.98
C LEU A 636 -20.92 -27.93 -4.86
N ASN A 637 -21.24 -29.22 -4.86
CA ASN A 637 -22.63 -29.66 -4.75
C ASN A 637 -22.98 -30.06 -3.31
#